data_7MQM
#
_entry.id   7MQM
#
_cell.length_a   130.574
_cell.length_b   91.059
_cell.length_c   100.524
_cell.angle_alpha   90.00
_cell.angle_beta   90.00
_cell.angle_gamma   90.00
#
_symmetry.space_group_name_H-M   'P 21 21 2'
#
loop_
_entity.id
_entity.type
_entity.pdbx_description
1 polymer 'Aminoglycoside N(3)-acetyltransferase III'
2 non-polymer 'COENZYME A'
3 non-polymer 'gentamicin C1'
4 non-polymer GLYCEROL
5 water water
#
_entity_poly.entity_id   1
_entity_poly.type   'polypeptide(L)'
_entity_poly.pdbx_seq_one_letter_code
;GSHMTDLNIPHTHAHLVDAFQALGIRAGQALMLHASVKAVGAVMGGPNVILQALMDALTPDGTLMMYAGWQDIPDFIDSL
PDALKAVYLEQHPPFDPATARAVRENSVLAEFLRTWP(CSO)VHRSANPEASMVAVGRQAALLTANHALDYGYGVESPLA
KLVAIEGYVLMLGAPLDTITLLHHAEYLAKMRHKNVVRYPCPILRDGRKVWVTVEDYDTGDPHDDYSFEQIARDYVAQGG
GTRGKVGDADAYLFAAQDLTRFAVQWLESRFGDSASYG
;
_entity_poly.pdbx_strand_id   A,B,C,D
#
# COMPACT_ATOMS: atom_id res chain seq x y z
N ILE A 9 -35.30 8.31 46.75
CA ILE A 9 -34.07 7.68 47.20
C ILE A 9 -33.12 7.52 46.02
N PRO A 10 -31.97 8.17 46.10
CA PRO A 10 -30.99 8.06 44.99
C PRO A 10 -30.38 6.68 44.93
N HIS A 11 -30.05 6.26 43.70
CA HIS A 11 -29.43 4.97 43.49
C HIS A 11 -28.05 4.93 44.14
N THR A 12 -27.74 3.80 44.78
CA THR A 12 -26.47 3.68 45.49
C THR A 12 -25.41 3.00 44.62
N HIS A 13 -24.16 3.21 45.02
CA HIS A 13 -23.04 2.54 44.36
C HIS A 13 -23.27 1.03 44.32
N ALA A 14 -23.63 0.45 45.47
CA ALA A 14 -23.78 -1.01 45.55
C ALA A 14 -24.88 -1.50 44.62
N HIS A 15 -26.00 -0.79 44.55
CA HIS A 15 -27.10 -1.22 43.70
C HIS A 15 -26.76 -1.06 42.23
N LEU A 16 -25.96 -0.06 41.87
CA LEU A 16 -25.54 0.07 40.48
C LEU A 16 -24.60 -1.05 40.07
N VAL A 17 -23.65 -1.41 40.96
CA VAL A 17 -22.79 -2.56 40.69
C VAL A 17 -23.62 -3.81 40.46
N ASP A 18 -24.60 -4.06 41.34
CA ASP A 18 -25.44 -5.24 41.19
C ASP A 18 -26.19 -5.22 39.87
N ALA A 19 -26.70 -4.05 39.48
CA ALA A 19 -27.46 -3.95 38.23
C ALA A 19 -26.55 -4.20 37.02
N PHE A 20 -25.33 -3.66 37.05
CA PHE A 20 -24.39 -3.92 35.97
C PHE A 20 -24.07 -5.41 35.86
N GLN A 21 -23.85 -6.07 37.00
CA GLN A 21 -23.53 -7.49 36.96
C GLN A 21 -24.73 -8.30 36.49
N ALA A 22 -25.94 -7.93 36.92
CA ALA A 22 -27.13 -8.63 36.46
C ALA A 22 -27.33 -8.48 34.95
N LEU A 23 -26.96 -7.33 34.40
CA LEU A 23 -27.04 -7.12 32.97
C LEU A 23 -26.08 -8.01 32.20
N GLY A 24 -24.97 -8.41 32.81
CA GLY A 24 -24.00 -9.23 32.12
C GLY A 24 -22.60 -8.65 32.06
N ILE A 25 -22.36 -7.55 32.77
CA ILE A 25 -21.01 -7.01 32.86
C ILE A 25 -20.16 -7.94 33.72
N ARG A 26 -18.98 -8.30 33.22
CA ARG A 26 -18.13 -9.26 33.90
C ARG A 26 -16.73 -8.68 34.09
N ALA A 27 -16.06 -9.21 35.11
CA ALA A 27 -14.68 -8.83 35.37
C ALA A 27 -13.81 -9.08 34.14
N GLY A 28 -12.97 -8.11 33.81
CA GLY A 28 -12.01 -8.26 32.73
C GLY A 28 -12.49 -7.79 31.38
N GLN A 29 -13.78 -7.50 31.22
CA GLN A 29 -14.28 -7.08 29.93
C GLN A 29 -13.71 -5.72 29.55
N ALA A 30 -13.57 -5.50 28.24
CA ALA A 30 -13.33 -4.18 27.68
C ALA A 30 -14.68 -3.65 27.20
N LEU A 31 -15.08 -2.49 27.72
CA LEU A 31 -16.44 -2.00 27.56
C LEU A 31 -16.43 -0.54 27.11
N MET A 32 -17.15 -0.26 26.03
CA MET A 32 -17.38 1.11 25.58
C MET A 32 -18.78 1.54 26.00
N LEU A 33 -18.87 2.70 26.63
CA LEU A 33 -20.11 3.18 27.25
C LEU A 33 -20.68 4.37 26.48
N HIS A 34 -22.00 4.30 26.21
CA HIS A 34 -22.79 5.47 25.81
C HIS A 34 -23.89 5.65 26.85
N ALA A 35 -24.11 6.89 27.31
CA ALA A 35 -24.97 7.03 28.48
C ALA A 35 -25.74 8.35 28.46
N SER A 36 -26.82 8.37 29.24
CA SER A 36 -27.56 9.58 29.60
C SER A 36 -27.68 9.61 31.11
N VAL A 37 -27.10 10.64 31.75
CA VAL A 37 -27.18 10.76 33.20
C VAL A 37 -28.63 10.90 33.65
N LYS A 38 -29.41 11.69 32.91
CA LYS A 38 -30.81 11.90 33.29
C LYS A 38 -31.60 10.60 33.27
N ALA A 39 -31.33 9.74 32.29
CA ALA A 39 -32.08 8.49 32.16
C ALA A 39 -31.84 7.57 33.34
N VAL A 40 -30.63 7.57 33.90
CA VAL A 40 -30.32 6.73 35.05
C VAL A 40 -31.09 7.19 36.29
N GLY A 41 -31.35 8.49 36.40
CA GLY A 41 -31.99 9.04 37.58
C GLY A 41 -30.99 9.40 38.66
N ALA A 42 -31.51 9.97 39.74
CA ALA A 42 -30.67 10.48 40.82
C ALA A 42 -29.78 9.38 41.37
N VAL A 43 -28.48 9.67 41.46
CA VAL A 43 -27.49 8.74 41.98
C VAL A 43 -26.85 9.38 43.21
N MET A 44 -26.68 8.58 44.26
CA MET A 44 -26.12 9.08 45.53
C MET A 44 -24.63 9.32 45.35
N GLY A 45 -24.24 10.58 45.18
CA GLY A 45 -22.87 10.93 44.86
C GLY A 45 -22.67 11.45 43.44
N GLY A 46 -23.70 11.41 42.60
CA GLY A 46 -23.61 11.96 41.27
C GLY A 46 -23.02 11.02 40.23
N PRO A 47 -22.76 11.54 39.03
CA PRO A 47 -22.30 10.67 37.94
C PRO A 47 -20.96 10.00 38.17
N ASN A 48 -20.11 10.54 39.05
CA ASN A 48 -18.89 9.85 39.44
C ASN A 48 -19.20 8.41 39.86
N VAL A 49 -20.31 8.22 40.57
CA VAL A 49 -20.66 6.91 41.10
C VAL A 49 -21.06 5.95 39.97
N ILE A 50 -21.69 6.46 38.91
CA ILE A 50 -21.98 5.61 37.75
C ILE A 50 -20.69 5.03 37.19
N LEU A 51 -19.69 5.89 36.97
CA LEU A 51 -18.41 5.42 36.43
C LEU A 51 -17.71 4.49 37.39
N GLN A 52 -17.68 4.84 38.69
CA GLN A 52 -16.98 4.00 39.65
C GLN A 52 -17.65 2.63 39.81
N ALA A 53 -18.99 2.62 39.84
CA ALA A 53 -19.70 1.34 39.92
C ALA A 53 -19.40 0.47 38.71
N LEU A 54 -19.36 1.07 37.52
CA LEU A 54 -19.05 0.30 36.32
C LEU A 54 -17.62 -0.23 36.36
N MET A 55 -16.66 0.63 36.74
CA MET A 55 -15.28 0.19 36.89
C MET A 55 -15.16 -0.94 37.91
N ASP A 56 -15.96 -0.86 38.99
CA ASP A 56 -15.89 -1.91 40.00
C ASP A 56 -16.43 -3.23 39.46
N ALA A 57 -17.49 -3.17 38.65
CA ALA A 57 -17.99 -4.39 38.01
C ALA A 57 -16.97 -4.96 37.05
N LEU A 58 -16.23 -4.08 36.36
CA LEU A 58 -15.19 -4.50 35.42
C LEU A 58 -13.91 -4.94 36.12
N THR A 59 -13.66 -4.48 37.35
CA THR A 59 -12.44 -4.67 38.12
C THR A 59 -11.26 -3.99 37.44
N PRO A 60 -10.11 -3.83 38.11
CA PRO A 60 -8.95 -3.23 37.43
C PRO A 60 -8.47 -4.01 36.22
N ASP A 61 -8.78 -5.30 36.12
N ASP A 61 -8.78 -5.30 36.11
CA ASP A 61 -8.43 -6.09 34.95
CA ASP A 61 -8.37 -6.04 34.92
C ASP A 61 -9.24 -5.72 33.72
C ASP A 61 -9.29 -5.81 33.73
N GLY A 62 -10.40 -5.08 33.91
CA GLY A 62 -11.23 -4.66 32.81
C GLY A 62 -10.88 -3.24 32.36
N THR A 63 -11.60 -2.78 31.33
CA THR A 63 -11.34 -1.48 30.72
C THR A 63 -12.66 -0.81 30.38
N LEU A 64 -12.74 0.50 30.63
CA LEU A 64 -13.91 1.31 30.29
C LEU A 64 -13.48 2.42 29.35
N MET A 65 -14.19 2.57 28.23
CA MET A 65 -13.83 3.53 27.21
C MET A 65 -15.06 4.35 26.79
N MET A 66 -14.85 5.62 26.49
CA MET A 66 -15.92 6.47 25.95
C MET A 66 -15.38 7.32 24.81
N TYR A 67 -16.29 7.73 23.92
CA TYR A 67 -15.98 8.65 22.84
C TYR A 67 -16.03 10.08 23.38
N ALA A 68 -14.89 10.75 23.43
CA ALA A 68 -14.81 12.13 23.90
C ALA A 68 -14.89 13.13 22.76
N GLY A 69 -14.08 12.93 21.71
CA GLY A 69 -14.01 13.91 20.64
C GLY A 69 -13.42 15.22 21.16
N TRP A 70 -13.76 16.31 20.47
CA TRP A 70 -13.29 17.64 20.86
C TRP A 70 -14.42 18.63 20.63
N GLN A 71 -14.95 19.18 21.73
CA GLN A 71 -16.10 20.08 21.64
C GLN A 71 -15.82 21.30 20.76
N ASP A 72 -14.58 21.78 20.77
CA ASP A 72 -14.25 23.03 20.10
C ASP A 72 -13.44 22.82 18.82
N ILE A 73 -13.53 21.65 18.19
CA ILE A 73 -12.73 21.44 16.97
C ILE A 73 -13.18 22.40 15.88
N PRO A 74 -12.26 23.14 15.25
CA PRO A 74 -12.64 24.12 14.23
C PRO A 74 -12.62 23.53 12.82
N ASP A 75 -13.33 22.43 12.62
CA ASP A 75 -13.32 21.74 11.34
C ASP A 75 -14.18 22.45 10.30
N PHE A 76 -14.80 23.57 10.64
CA PHE A 76 -15.71 24.28 9.77
C PHE A 76 -15.10 25.51 9.11
N ILE A 77 -13.81 25.79 9.34
CA ILE A 77 -13.28 27.10 8.98
C ILE A 77 -13.15 27.30 7.47
N ASP A 78 -13.10 26.23 6.67
CA ASP A 78 -13.01 26.41 5.23
C ASP A 78 -14.27 27.07 4.66
N SER A 79 -15.38 27.01 5.39
CA SER A 79 -16.62 27.64 4.97
C SER A 79 -16.66 29.14 5.23
N LEU A 80 -15.68 29.69 5.97
CA LEU A 80 -15.70 31.09 6.38
C LEU A 80 -15.04 31.98 5.35
N PRO A 81 -15.35 33.28 5.38
CA PRO A 81 -14.61 34.24 4.55
C PRO A 81 -13.13 34.26 4.91
N ASP A 82 -12.30 34.59 3.91
CA ASP A 82 -10.85 34.51 4.08
C ASP A 82 -10.36 35.32 5.29
N ALA A 83 -10.94 36.50 5.52
CA ALA A 83 -10.48 37.32 6.64
C ALA A 83 -10.78 36.66 7.98
N LEU A 84 -11.95 36.03 8.11
CA LEU A 84 -12.27 35.34 9.35
C LEU A 84 -11.47 34.06 9.48
N LYS A 85 -11.31 33.32 8.39
CA LYS A 85 -10.51 32.10 8.40
C LYS A 85 -9.08 32.39 8.85
N ALA A 86 -8.51 33.52 8.42
CA ALA A 86 -7.15 33.86 8.80
C ALA A 86 -7.03 34.04 10.30
N VAL A 87 -8.05 34.63 10.94
CA VAL A 87 -8.01 34.79 12.39
C VAL A 87 -8.06 33.43 13.07
N TYR A 88 -8.95 32.54 12.62
CA TYR A 88 -8.99 31.19 13.17
C TYR A 88 -7.63 30.50 13.03
N LEU A 89 -7.00 30.63 11.86
CA LEU A 89 -5.71 29.99 11.65
C LEU A 89 -4.65 30.52 12.61
N GLU A 90 -4.72 31.80 12.96
CA GLU A 90 -3.74 32.38 13.88
C GLU A 90 -4.12 32.17 15.34
N GLN A 91 -5.41 32.22 15.68
CA GLN A 91 -5.80 32.39 17.07
C GLN A 91 -6.46 31.19 17.71
N HIS A 92 -7.01 30.26 16.93
CA HIS A 92 -7.69 29.11 17.54
C HIS A 92 -6.68 28.18 18.18
N PRO A 93 -6.92 27.71 19.40
CA PRO A 93 -5.96 26.82 20.05
C PRO A 93 -5.92 25.47 19.36
N PRO A 94 -4.80 24.76 19.46
CA PRO A 94 -4.72 23.41 18.89
C PRO A 94 -5.36 22.39 19.83
N PHE A 95 -5.60 21.20 19.28
CA PHE A 95 -6.01 20.06 20.08
C PHE A 95 -4.88 19.68 21.04
N ASP A 96 -5.10 19.93 22.32
CA ASP A 96 -4.18 19.50 23.37
C ASP A 96 -4.89 18.41 24.16
N PRO A 97 -4.44 17.15 24.10
CA PRO A 97 -5.21 16.08 24.76
C PRO A 97 -5.36 16.29 26.27
N ALA A 98 -4.48 17.08 26.89
CA ALA A 98 -4.60 17.32 28.32
C ALA A 98 -5.81 18.20 28.67
N THR A 99 -6.21 19.09 27.76
CA THR A 99 -7.24 20.08 28.07
C THR A 99 -8.45 20.07 27.14
N ALA A 100 -8.35 19.45 25.96
CA ALA A 100 -9.44 19.52 24.98
C ALA A 100 -10.72 18.90 25.57
N ARG A 101 -11.77 19.70 25.66
N ARG A 101 -11.77 19.71 25.67
CA ARG A 101 -12.99 19.26 26.32
CA ARG A 101 -12.99 19.25 26.32
C ARG A 101 -13.77 18.29 25.43
C ARG A 101 -13.76 18.29 25.43
N ALA A 102 -14.40 17.30 26.05
CA ALA A 102 -15.20 16.34 25.32
C ALA A 102 -16.45 17.02 24.74
N VAL A 103 -16.92 16.51 23.60
CA VAL A 103 -18.15 16.99 22.99
C VAL A 103 -19.29 16.90 24.00
N ARG A 104 -19.99 18.03 24.22
CA ARG A 104 -21.03 18.05 25.25
C ARG A 104 -22.12 17.03 24.96
N GLU A 105 -22.49 16.87 23.68
CA GLU A 105 -23.54 15.94 23.31
C GLU A 105 -23.12 14.48 23.41
N ASN A 106 -21.87 14.20 23.79
CA ASN A 106 -21.42 12.84 24.04
C ASN A 106 -21.67 12.38 25.47
N SER A 107 -22.43 13.18 26.24
CA SER A 107 -22.74 13.04 27.67
C SER A 107 -21.64 13.66 28.52
N VAL A 108 -22.03 14.36 29.59
CA VAL A 108 -21.08 14.83 30.57
C VAL A 108 -20.24 13.69 31.13
N LEU A 109 -20.77 12.45 31.10
CA LEU A 109 -20.00 11.31 31.58
C LEU A 109 -18.71 11.12 30.78
N ALA A 110 -18.72 11.46 29.49
CA ALA A 110 -17.49 11.37 28.71
C ALA A 110 -16.44 12.36 29.20
N GLU A 111 -16.87 13.57 29.57
CA GLU A 111 -15.95 14.54 30.14
C GLU A 111 -15.49 14.11 31.52
N PHE A 112 -16.39 13.51 32.32
CA PHE A 112 -16.00 12.96 33.61
C PHE A 112 -14.93 11.88 33.46
N LEU A 113 -15.09 10.99 32.48
CA LEU A 113 -14.11 9.92 32.29
C LEU A 113 -12.80 10.47 31.72
N ARG A 114 -12.89 11.48 30.85
CA ARG A 114 -11.68 12.09 30.29
C ARG A 114 -10.77 12.63 31.38
N THR A 115 -11.34 13.12 32.48
CA THR A 115 -10.57 13.71 33.57
C THR A 115 -10.43 12.77 34.76
N TRP A 116 -10.65 11.46 34.55
CA TRP A 116 -10.51 10.44 35.58
C TRP A 116 -9.03 10.08 35.80
N PRO A 117 -8.65 9.72 37.03
CA PRO A 117 -7.28 9.23 37.29
C PRO A 117 -6.87 8.04 36.41
N VAL A 119 -6.35 7.89 33.26
CA VAL A 119 -6.98 7.87 31.93
C VAL A 119 -5.93 7.92 30.83
N HIS A 120 -6.23 7.24 29.72
CA HIS A 120 -5.48 7.35 28.48
C HIS A 120 -6.40 7.92 27.40
N ARG A 121 -5.85 8.76 26.53
CA ARG A 121 -6.64 9.43 25.51
C ARG A 121 -5.98 9.25 24.15
N SER A 122 -6.78 8.88 23.15
CA SER A 122 -6.27 8.68 21.81
C SER A 122 -6.06 10.01 21.10
N ALA A 123 -5.16 10.00 20.10
CA ALA A 123 -4.62 11.24 19.55
C ALA A 123 -5.47 11.87 18.46
N ASN A 124 -6.41 11.14 17.88
CA ASN A 124 -7.22 11.71 16.81
C ASN A 124 -8.20 12.72 17.40
N PRO A 125 -8.11 14.01 17.06
CA PRO A 125 -8.95 15.00 17.77
C PRO A 125 -10.45 14.76 17.60
N GLU A 126 -10.92 14.68 16.36
CA GLU A 126 -12.36 14.53 16.11
C GLU A 126 -12.90 13.22 16.67
N ALA A 127 -12.11 12.16 16.63
CA ALA A 127 -12.57 10.83 17.02
C ALA A 127 -11.99 10.39 18.37
N SER A 128 -11.55 11.32 19.21
CA SER A 128 -10.70 10.97 20.34
C SER A 128 -11.47 10.12 21.35
N MET A 129 -10.85 9.02 21.78
CA MET A 129 -11.41 8.12 22.76
C MET A 129 -10.62 8.22 24.07
N VAL A 130 -11.32 8.02 25.18
CA VAL A 130 -10.69 8.04 26.50
C VAL A 130 -10.99 6.71 27.19
N ALA A 131 -10.02 6.18 27.92
CA ALA A 131 -10.20 4.87 28.53
C ALA A 131 -9.42 4.75 29.83
N VAL A 132 -9.98 3.97 30.75
CA VAL A 132 -9.35 3.66 32.03
C VAL A 132 -9.39 2.15 32.23
N GLY A 133 -8.26 1.56 32.55
CA GLY A 133 -8.24 0.15 32.87
C GLY A 133 -7.07 -0.56 32.21
N ARG A 134 -7.12 -1.89 32.28
CA ARG A 134 -5.97 -2.71 31.93
C ARG A 134 -5.57 -2.54 30.47
N GLN A 135 -6.55 -2.43 29.56
CA GLN A 135 -6.27 -2.29 28.14
C GLN A 135 -6.46 -0.85 27.65
N ALA A 136 -6.43 0.13 28.54
CA ALA A 136 -6.68 1.50 28.13
C ALA A 136 -5.58 2.02 27.21
N ALA A 137 -4.31 1.75 27.54
CA ALA A 137 -3.23 2.16 26.67
C ALA A 137 -3.31 1.45 25.32
N LEU A 138 -3.56 0.14 25.35
N LEU A 138 -3.57 0.13 25.34
CA LEU A 138 -3.67 -0.64 24.11
CA LEU A 138 -3.66 -0.62 24.10
C LEU A 138 -4.75 -0.07 23.20
C LEU A 138 -4.75 -0.06 23.19
N LEU A 139 -5.94 0.18 23.75
CA LEU A 139 -7.06 0.64 22.92
C LEU A 139 -6.80 2.01 22.31
N THR A 140 -6.12 2.90 23.04
CA THR A 140 -5.99 4.29 22.62
C THR A 140 -4.72 4.58 21.83
N ALA A 141 -3.85 3.60 21.66
CA ALA A 141 -2.53 3.84 21.05
C ALA A 141 -2.64 3.98 19.54
N ASN A 142 -1.76 4.83 18.99
CA ASN A 142 -1.55 4.92 17.54
C ASN A 142 -2.86 5.12 16.79
N HIS A 143 -3.71 5.99 17.33
CA HIS A 143 -4.97 6.33 16.66
C HIS A 143 -4.66 7.29 15.51
N ALA A 144 -4.72 6.79 14.29
CA ALA A 144 -4.34 7.57 13.12
C ALA A 144 -5.28 8.75 12.91
N LEU A 145 -4.73 9.85 12.37
CA LEU A 145 -5.53 11.04 12.10
C LEU A 145 -6.54 10.80 10.99
N ASP A 146 -6.12 10.12 9.91
CA ASP A 146 -7.02 9.84 8.81
C ASP A 146 -7.86 8.60 9.11
N TYR A 147 -9.12 8.65 8.69
CA TYR A 147 -10.07 7.54 8.83
C TYR A 147 -10.11 7.07 10.29
N GLY A 148 -10.53 7.99 11.15
CA GLY A 148 -10.46 7.82 12.59
C GLY A 148 -11.41 6.79 13.18
N TYR A 149 -12.31 6.23 12.37
CA TYR A 149 -13.16 5.13 12.81
C TYR A 149 -12.80 3.85 12.08
N GLY A 150 -11.65 3.81 11.43
CA GLY A 150 -11.26 2.73 10.54
C GLY A 150 -10.29 1.75 11.17
N VAL A 151 -9.33 1.29 10.37
CA VAL A 151 -8.49 0.17 10.74
C VAL A 151 -7.55 0.52 11.89
N GLU A 152 -7.08 1.77 11.97
CA GLU A 152 -6.16 2.19 13.01
C GLU A 152 -6.86 2.88 14.17
N SER A 153 -8.06 2.45 14.52
CA SER A 153 -8.87 3.16 15.50
C SER A 153 -9.08 2.34 16.78
N PRO A 154 -9.42 2.99 17.89
CA PRO A 154 -9.79 2.24 19.11
C PRO A 154 -11.00 1.35 18.90
N LEU A 155 -11.88 1.70 17.94
CA LEU A 155 -13.03 0.87 17.66
C LEU A 155 -12.61 -0.43 17.00
N ALA A 156 -11.67 -0.36 16.06
CA ALA A 156 -11.13 -1.58 15.47
C ALA A 156 -10.50 -2.47 16.53
N LYS A 157 -9.79 -1.87 17.49
CA LYS A 157 -9.14 -2.67 18.52
C LYS A 157 -10.16 -3.27 19.49
N LEU A 158 -11.22 -2.51 19.79
CA LEU A 158 -12.27 -3.05 20.64
C LEU A 158 -12.92 -4.28 20.02
N VAL A 159 -13.14 -4.23 18.70
CA VAL A 159 -13.64 -5.41 17.99
C VAL A 159 -12.61 -6.53 18.06
N ALA A 160 -11.34 -6.19 17.83
CA ALA A 160 -10.29 -7.21 17.73
C ALA A 160 -10.10 -7.97 19.04
N ILE A 161 -10.24 -7.29 20.17
CA ILE A 161 -10.09 -7.96 21.45
C ILE A 161 -11.44 -8.43 22.01
N GLU A 162 -12.48 -8.33 21.19
CA GLU A 162 -13.83 -8.80 21.51
C GLU A 162 -14.36 -8.14 22.79
N GLY A 163 -14.39 -6.82 22.75
CA GLY A 163 -14.99 -6.00 23.78
C GLY A 163 -16.49 -5.91 23.61
N TYR A 164 -17.09 -5.00 24.38
CA TYR A 164 -18.53 -4.87 24.47
C TYR A 164 -18.92 -3.40 24.40
N VAL A 165 -20.21 -3.16 24.09
CA VAL A 165 -20.78 -1.82 24.09
C VAL A 165 -21.97 -1.80 25.02
N LEU A 166 -22.00 -0.84 25.94
CA LEU A 166 -23.10 -0.69 26.87
C LEU A 166 -23.84 0.61 26.57
N MET A 167 -25.14 0.50 26.29
CA MET A 167 -26.00 1.66 26.12
C MET A 167 -26.76 1.86 27.42
N LEU A 168 -26.46 2.94 28.13
CA LEU A 168 -27.01 3.20 29.45
C LEU A 168 -27.99 4.36 29.33
N GLY A 169 -29.22 4.04 28.92
CA GLY A 169 -30.21 5.07 28.66
C GLY A 169 -29.90 5.94 27.48
N ALA A 170 -28.93 5.56 26.64
CA ALA A 170 -28.56 6.31 25.45
C ALA A 170 -29.35 5.80 24.24
N PRO A 171 -29.76 6.69 23.34
CA PRO A 171 -30.49 6.22 22.15
C PRO A 171 -29.60 5.36 21.26
N LEU A 172 -30.24 4.39 20.60
CA LEU A 172 -29.47 3.42 19.80
C LEU A 172 -28.79 4.05 18.61
N ASP A 173 -29.19 5.24 18.19
CA ASP A 173 -28.51 5.88 17.07
C ASP A 173 -27.19 6.54 17.46
N THR A 174 -26.76 6.43 18.72
CA THR A 174 -25.48 7.01 19.14
C THR A 174 -24.36 5.97 19.26
N ILE A 175 -24.54 4.78 18.68
CA ILE A 175 -23.52 3.73 18.74
C ILE A 175 -22.40 4.11 17.79
N THR A 176 -21.34 4.72 18.32
CA THR A 176 -20.20 5.14 17.51
C THR A 176 -19.56 3.95 16.79
N LEU A 177 -19.61 2.77 17.38
CA LEU A 177 -19.05 1.58 16.74
C LEU A 177 -19.60 1.36 15.34
N LEU A 178 -20.84 1.81 15.07
CA LEU A 178 -21.41 1.60 13.75
C LEU A 178 -20.72 2.45 12.69
N HIS A 179 -20.03 3.52 13.06
CA HIS A 179 -19.19 4.20 12.08
C HIS A 179 -18.03 3.32 11.65
N HIS A 180 -17.56 2.43 12.53
CA HIS A 180 -16.53 1.47 12.12
C HIS A 180 -17.12 0.44 11.17
N ALA A 181 -18.37 0.03 11.40
CA ALA A 181 -19.03 -0.86 10.46
C ALA A 181 -19.16 -0.22 9.09
N GLU A 182 -19.49 1.08 9.05
CA GLU A 182 -19.53 1.79 7.76
C GLU A 182 -18.18 1.73 7.07
N TYR A 183 -17.10 1.96 7.81
CA TYR A 183 -15.77 1.90 7.24
C TYR A 183 -15.50 0.54 6.62
N LEU A 184 -15.85 -0.53 7.33
CA LEU A 184 -15.56 -1.87 6.85
C LEU A 184 -16.43 -2.26 5.66
N ALA A 185 -17.66 -1.75 5.61
CA ALA A 185 -18.63 -2.24 4.64
C ALA A 185 -18.30 -1.78 3.23
N LYS A 186 -18.32 -2.72 2.29
N LYS A 186 -18.32 -2.72 2.29
CA LYS A 186 -18.15 -2.37 0.88
CA LYS A 186 -18.16 -2.38 0.88
C LYS A 186 -19.50 -1.91 0.34
C LYS A 186 -19.52 -1.91 0.36
N MET A 187 -19.63 -0.62 0.07
CA MET A 187 -20.90 -0.01 -0.29
C MET A 187 -20.80 0.73 -1.62
N ARG A 188 -21.95 0.84 -2.29
CA ARG A 188 -22.00 1.43 -3.63
C ARG A 188 -21.58 2.89 -3.62
N HIS A 189 -21.81 3.61 -2.52
CA HIS A 189 -21.41 5.02 -2.47
C HIS A 189 -20.89 5.40 -1.09
N LYS A 190 -19.76 6.10 -1.06
CA LYS A 190 -19.20 6.66 0.15
C LYS A 190 -18.80 8.11 -0.08
N ASN A 191 -19.05 8.96 0.91
CA ASN A 191 -18.59 10.35 0.90
C ASN A 191 -17.27 10.45 1.65
N VAL A 192 -16.24 11.01 1.00
CA VAL A 192 -14.95 11.24 1.63
C VAL A 192 -14.77 12.74 1.81
N VAL A 193 -14.38 13.14 3.03
CA VAL A 193 -14.18 14.55 3.34
C VAL A 193 -12.72 14.79 3.72
N ARG A 194 -12.28 16.03 3.50
CA ARG A 194 -11.02 16.54 4.04
C ARG A 194 -11.34 17.82 4.78
N TYR A 195 -10.80 17.96 5.99
CA TYR A 195 -11.09 19.14 6.80
C TYR A 195 -9.85 19.54 7.59
N PRO A 196 -9.73 20.82 7.94
CA PRO A 196 -8.56 21.28 8.70
C PRO A 196 -8.72 21.07 10.19
N CYS A 197 -7.58 20.90 10.87
CA CYS A 197 -7.57 20.74 12.32
C CYS A 197 -6.22 21.15 12.88
N PRO A 198 -6.19 22.00 13.91
CA PRO A 198 -4.92 22.34 14.56
C PRO A 198 -4.55 21.30 15.60
N ILE A 199 -3.29 20.85 15.57
CA ILE A 199 -2.79 19.85 16.50
C ILE A 199 -1.47 20.35 17.07
N LEU A 200 -0.94 19.59 18.04
CA LEU A 200 0.37 19.83 18.61
C LEU A 200 1.38 18.91 17.93
N ARG A 201 2.49 19.49 17.48
CA ARG A 201 3.57 18.71 16.88
C ARG A 201 4.88 19.29 17.40
N ASP A 202 5.65 18.46 18.12
CA ASP A 202 6.86 18.91 18.78
C ASP A 202 6.57 20.11 19.68
N GLY A 203 5.44 20.07 20.38
CA GLY A 203 5.04 21.12 21.27
C GLY A 203 4.56 22.40 20.61
N ARG A 204 4.43 22.41 19.29
CA ARG A 204 4.01 23.61 18.56
C ARG A 204 2.69 23.36 17.85
N LYS A 205 1.90 24.41 17.72
CA LYS A 205 0.64 24.31 16.98
C LYS A 205 0.92 24.21 15.49
N VAL A 206 0.33 23.21 14.84
N VAL A 206 0.31 23.22 14.84
CA VAL A 206 0.41 23.08 13.40
CA VAL A 206 0.42 22.99 13.41
C VAL A 206 -0.96 22.68 12.87
C VAL A 206 -0.98 22.66 12.88
N TRP A 207 -1.34 23.26 11.75
CA TRP A 207 -2.60 22.95 11.09
C TRP A 207 -2.38 21.83 10.09
N VAL A 208 -3.16 20.75 10.22
CA VAL A 208 -3.10 19.64 9.29
C VAL A 208 -4.46 19.46 8.65
N THR A 209 -4.48 18.71 7.55
CA THR A 209 -5.72 18.31 6.91
C THR A 209 -6.00 16.86 7.25
N VAL A 210 -7.22 16.58 7.71
CA VAL A 210 -7.65 15.24 8.06
C VAL A 210 -8.59 14.73 6.98
N GLU A 211 -8.36 13.50 6.52
CA GLU A 211 -9.25 12.84 5.57
C GLU A 211 -10.00 11.73 6.30
N ASP A 212 -11.30 11.63 6.02
CA ASP A 212 -12.15 10.66 6.68
C ASP A 212 -13.36 10.40 5.82
N TYR A 213 -14.07 9.31 6.11
CA TYR A 213 -15.43 9.18 5.62
C TYR A 213 -16.31 10.17 6.37
N ASP A 214 -17.26 10.77 5.66
CA ASP A 214 -18.25 11.62 6.29
C ASP A 214 -18.96 10.84 7.40
N THR A 215 -18.93 11.37 8.62
CA THR A 215 -19.71 10.80 9.72
C THR A 215 -20.88 11.67 10.13
N GLY A 216 -21.11 12.79 9.42
CA GLY A 216 -22.25 13.64 9.73
C GLY A 216 -23.55 13.17 9.12
N ASP A 217 -23.49 12.40 8.04
CA ASP A 217 -24.66 11.83 7.38
C ASP A 217 -24.33 10.42 6.95
N PRO A 218 -25.33 9.55 6.85
CA PRO A 218 -25.09 8.20 6.31
C PRO A 218 -24.67 8.28 4.86
N HIS A 219 -23.98 7.23 4.41
CA HIS A 219 -23.52 7.15 3.02
C HIS A 219 -24.59 6.66 2.06
N ASP A 220 -25.74 6.21 2.58
CA ASP A 220 -26.82 5.72 1.75
C ASP A 220 -28.11 5.82 2.56
N ASP A 221 -29.15 5.11 2.12
CA ASP A 221 -30.49 5.25 2.67
C ASP A 221 -30.67 4.34 3.89
N TYR A 222 -30.09 4.74 5.01
CA TYR A 222 -30.17 3.97 6.24
C TYR A 222 -29.95 4.88 7.44
N SER A 223 -30.25 4.35 8.63
CA SER A 223 -29.98 5.01 9.90
C SER A 223 -29.35 4.02 10.87
N PHE A 224 -28.57 4.56 11.82
CA PHE A 224 -27.98 3.71 12.86
C PHE A 224 -29.05 3.10 13.76
N GLU A 225 -30.09 3.87 14.08
CA GLU A 225 -31.20 3.34 14.87
C GLU A 225 -31.82 2.13 14.17
N GLN A 226 -31.95 2.21 12.86
CA GLN A 226 -32.54 1.12 12.08
C GLN A 226 -31.73 -0.17 12.23
N ILE A 227 -30.40 -0.07 12.10
CA ILE A 227 -29.54 -1.24 12.19
C ILE A 227 -29.61 -1.87 13.58
N ALA A 228 -29.51 -1.05 14.62
CA ALA A 228 -29.45 -1.58 15.98
C ALA A 228 -30.76 -2.25 16.39
N ARG A 229 -31.89 -1.65 16.02
CA ARG A 229 -33.17 -2.26 16.34
C ARG A 229 -33.36 -3.58 15.61
N ASP A 230 -32.87 -3.68 14.37
CA ASP A 230 -32.89 -4.97 13.66
C ASP A 230 -32.01 -5.99 14.37
N TYR A 231 -30.86 -5.55 14.87
CA TYR A 231 -29.98 -6.46 15.62
C TYR A 231 -30.67 -6.99 16.86
N VAL A 232 -31.32 -6.11 17.62
CA VAL A 232 -32.02 -6.55 18.84
C VAL A 232 -33.14 -7.51 18.47
N ALA A 233 -33.87 -7.21 17.40
CA ALA A 233 -35.03 -8.03 17.04
C ALA A 233 -34.65 -9.47 16.72
N GLN A 234 -33.45 -9.69 16.18
CA GLN A 234 -32.99 -11.04 15.87
C GLN A 234 -32.20 -11.68 17.01
N GLY A 235 -32.34 -11.16 18.23
CA GLY A 235 -31.74 -11.78 19.40
C GLY A 235 -30.39 -11.26 19.82
N GLY A 236 -29.93 -10.13 19.27
CA GLY A 236 -28.61 -9.63 19.60
C GLY A 236 -28.60 -8.88 20.92
N GLY A 237 -27.60 -9.17 21.75
CA GLY A 237 -27.39 -8.44 22.98
C GLY A 237 -28.32 -8.87 24.11
N THR A 238 -28.17 -8.17 25.24
CA THR A 238 -28.99 -8.39 26.42
C THR A 238 -29.53 -7.06 26.89
N ARG A 239 -30.75 -7.06 27.41
CA ARG A 239 -31.45 -5.86 27.82
C ARG A 239 -31.82 -5.95 29.29
N GLY A 240 -31.78 -4.81 29.97
CA GLY A 240 -32.15 -4.76 31.37
C GLY A 240 -32.19 -3.34 31.86
N LYS A 241 -32.55 -3.18 33.13
CA LYS A 241 -32.64 -1.87 33.74
C LYS A 241 -31.41 -1.61 34.60
N VAL A 242 -30.91 -0.39 34.53
CA VAL A 242 -29.84 0.09 35.39
C VAL A 242 -30.31 1.41 35.96
N GLY A 243 -30.58 1.44 37.26
CA GLY A 243 -31.28 2.58 37.80
C GLY A 243 -32.63 2.70 37.13
N ASP A 244 -32.94 3.90 36.65
CA ASP A 244 -34.16 4.14 35.89
C ASP A 244 -33.97 3.95 34.40
N ALA A 245 -32.79 3.55 33.94
CA ALA A 245 -32.46 3.58 32.52
C ALA A 245 -32.64 2.21 31.86
N ASP A 246 -33.22 2.22 30.67
N ASP A 246 -33.15 2.22 30.62
CA ASP A 246 -33.13 1.07 29.78
CA ASP A 246 -33.18 1.02 29.80
C ASP A 246 -31.68 0.87 29.38
C ASP A 246 -31.78 0.79 29.22
N ALA A 247 -31.17 -0.35 29.56
CA ALA A 247 -29.79 -0.65 29.23
C ALA A 247 -29.69 -1.77 28.21
N TYR A 248 -28.74 -1.65 27.30
CA TYR A 248 -28.42 -2.68 26.31
C TYR A 248 -26.94 -3.01 26.38
N LEU A 249 -26.61 -4.30 26.33
CA LEU A 249 -25.23 -4.76 26.32
C LEU A 249 -24.99 -5.58 25.06
N PHE A 250 -24.09 -5.10 24.20
CA PHE A 250 -23.79 -5.73 22.92
C PHE A 250 -22.34 -6.20 22.87
N ALA A 251 -22.12 -7.35 22.26
CA ALA A 251 -20.76 -7.77 21.93
C ALA A 251 -20.29 -7.00 20.70
N ALA A 252 -19.12 -6.36 20.80
CA ALA A 252 -18.66 -5.49 19.73
C ALA A 252 -18.42 -6.26 18.44
N GLN A 253 -17.83 -7.45 18.54
CA GLN A 253 -17.55 -8.23 17.34
C GLN A 253 -18.83 -8.64 16.63
N ASP A 254 -19.79 -9.19 17.39
CA ASP A 254 -21.02 -9.69 16.77
C ASP A 254 -21.86 -8.55 16.19
N LEU A 255 -21.93 -7.42 16.90
CA LEU A 255 -22.68 -6.28 16.36
C LEU A 255 -22.03 -5.73 15.10
N THR A 256 -20.70 -5.64 15.08
CA THR A 256 -20.00 -5.15 13.88
C THR A 256 -20.23 -6.09 12.70
N ARG A 257 -20.09 -7.40 12.94
CA ARG A 257 -20.35 -8.38 11.88
C ARG A 257 -21.77 -8.23 11.34
N PHE A 258 -22.75 -8.13 12.24
CA PHE A 258 -24.14 -7.97 11.82
C PHE A 258 -24.33 -6.70 11.00
N ALA A 259 -23.75 -5.59 11.48
CA ALA A 259 -23.98 -4.30 10.84
C ALA A 259 -23.31 -4.24 9.46
N VAL A 260 -22.12 -4.83 9.32
CA VAL A 260 -21.47 -4.86 8.01
C VAL A 260 -22.31 -5.66 7.02
N GLN A 261 -22.82 -6.82 7.45
N GLN A 261 -22.79 -6.83 7.45
CA GLN A 261 -23.67 -7.61 6.57
CA GLN A 261 -23.68 -7.63 6.61
C GLN A 261 -24.97 -6.88 6.26
C GLN A 261 -24.95 -6.86 6.26
N TRP A 262 -25.53 -6.18 7.25
CA TRP A 262 -26.74 -5.40 7.03
C TRP A 262 -26.53 -4.34 5.96
N LEU A 263 -25.41 -3.63 6.03
CA LEU A 263 -25.13 -2.58 5.05
C LEU A 263 -24.82 -3.17 3.67
N GLU A 264 -24.03 -4.24 3.63
CA GLU A 264 -23.64 -4.81 2.34
C GLU A 264 -24.80 -5.50 1.65
N SER A 265 -25.70 -6.12 2.42
CA SER A 265 -26.85 -6.76 1.78
C SER A 265 -27.75 -5.73 1.10
N ARG A 266 -27.79 -4.51 1.61
CA ARG A 266 -28.66 -3.48 1.06
C ARG A 266 -27.95 -2.56 0.07
N PHE A 267 -26.66 -2.27 0.28
CA PHE A 267 -25.94 -1.32 -0.56
C PHE A 267 -24.61 -1.86 -1.04
N GLY A 268 -24.36 -3.16 -0.89
CA GLY A 268 -23.08 -3.75 -1.19
C GLY A 268 -22.95 -4.30 -2.59
N ASP A 269 -21.87 -5.04 -2.79
CA ASP A 269 -21.49 -5.57 -4.10
C ASP A 269 -22.44 -6.67 -4.55
N ILE B 9 -16.90 20.87 -51.04
CA ILE B 9 -15.79 20.10 -51.59
C ILE B 9 -15.05 19.42 -50.45
N PRO B 10 -14.97 18.10 -50.47
CA PRO B 10 -14.51 17.37 -49.28
C PRO B 10 -13.04 17.62 -49.00
N HIS B 11 -12.70 17.69 -47.72
CA HIS B 11 -11.33 17.89 -47.30
C HIS B 11 -10.49 16.69 -47.65
N THR B 12 -9.28 16.93 -48.14
CA THR B 12 -8.40 15.85 -48.57
C THR B 12 -7.45 15.45 -47.44
N HIS B 13 -6.91 14.23 -47.58
CA HIS B 13 -5.87 13.76 -46.67
C HIS B 13 -4.73 14.76 -46.56
N ALA B 14 -4.23 15.23 -47.70
CA ALA B 14 -3.08 16.14 -47.68
C ALA B 14 -3.40 17.43 -46.94
N HIS B 15 -4.60 17.96 -47.14
CA HIS B 15 -4.97 19.22 -46.49
C HIS B 15 -5.17 19.04 -44.99
N LEU B 16 -5.64 17.87 -44.56
CA LEU B 16 -5.77 17.62 -43.13
C LEU B 16 -4.40 17.49 -42.47
N VAL B 17 -3.48 16.78 -43.12
CA VAL B 17 -2.10 16.69 -42.62
C VAL B 17 -1.51 18.09 -42.45
N ASP B 18 -1.68 18.95 -43.47
CA ASP B 18 -1.15 20.31 -43.39
C ASP B 18 -1.79 21.08 -42.23
N ALA B 19 -3.11 20.91 -42.05
CA ALA B 19 -3.80 21.62 -40.97
C ALA B 19 -3.35 21.14 -39.60
N PHE B 20 -3.17 19.83 -39.43
CA PHE B 20 -2.65 19.31 -38.17
C PHE B 20 -1.27 19.86 -37.88
N GLN B 21 -0.40 19.89 -38.90
CA GLN B 21 0.96 20.40 -38.71
C GLN B 21 0.95 21.89 -38.40
N ALA B 22 0.08 22.67 -39.04
CA ALA B 22 0.00 24.09 -38.74
C ALA B 22 -0.45 24.33 -37.32
N LEU B 23 -1.31 23.47 -36.78
CA LEU B 23 -1.77 23.59 -35.41
C LEU B 23 -0.62 23.38 -34.42
N GLY B 24 0.39 22.59 -34.80
CA GLY B 24 1.49 22.29 -33.90
C GLY B 24 1.73 20.82 -33.65
N ILE B 25 1.04 19.95 -34.37
N ILE B 25 1.02 19.96 -34.36
CA ILE B 25 1.25 18.51 -34.22
CA ILE B 25 1.26 18.52 -34.26
C ILE B 25 2.55 18.12 -34.92
C ILE B 25 2.60 18.20 -34.90
N ARG B 26 3.42 17.43 -34.19
CA ARG B 26 4.77 17.13 -34.64
C ARG B 26 5.03 15.63 -34.59
N ALA B 27 5.99 15.19 -35.40
CA ALA B 27 6.41 13.79 -35.42
C ALA B 27 6.84 13.35 -34.03
N GLY B 28 6.38 12.16 -33.64
CA GLY B 28 6.80 11.56 -32.40
C GLY B 28 5.93 11.87 -31.20
N GLN B 29 5.00 12.82 -31.31
CA GLN B 29 4.16 13.16 -30.17
C GLN B 29 3.23 12.01 -29.81
N ALA B 30 2.90 11.94 -28.52
CA ALA B 30 1.81 11.11 -28.03
C ALA B 30 0.60 12.02 -27.84
N LEU B 31 -0.51 11.66 -28.48
CA LEU B 31 -1.63 12.57 -28.62
C LEU B 31 -2.93 11.84 -28.31
N MET B 32 -3.72 12.40 -27.41
CA MET B 32 -5.07 11.91 -27.14
C MET B 32 -6.07 12.81 -27.87
N LEU B 33 -6.99 12.20 -28.60
CA LEU B 33 -7.90 12.93 -29.48
C LEU B 33 -9.33 12.88 -28.94
N HIS B 34 -9.99 14.03 -28.92
CA HIS B 34 -11.44 14.13 -28.76
C HIS B 34 -11.99 14.84 -30.00
N ALA B 35 -13.05 14.30 -30.60
CA ALA B 35 -13.42 14.79 -31.92
C ALA B 35 -14.92 14.75 -32.14
N SER B 36 -15.35 15.54 -33.13
CA SER B 36 -16.67 15.46 -33.74
C SER B 36 -16.49 15.38 -35.24
N VAL B 37 -16.93 14.26 -35.85
CA VAL B 37 -16.82 14.11 -37.30
C VAL B 37 -17.63 15.19 -38.02
N LYS B 38 -18.83 15.49 -37.51
CA LYS B 38 -19.65 16.51 -38.16
C LYS B 38 -18.98 17.87 -38.15
N ALA B 39 -18.28 18.21 -37.06
CA ALA B 39 -17.63 19.51 -36.96
C ALA B 39 -16.53 19.66 -38.01
N VAL B 40 -15.82 18.57 -38.33
CA VAL B 40 -14.76 18.64 -39.33
C VAL B 40 -15.35 18.92 -40.72
N GLY B 41 -16.55 18.42 -40.99
CA GLY B 41 -17.12 18.55 -42.32
C GLY B 41 -16.70 17.40 -43.22
N ALA B 42 -17.23 17.42 -44.44
CA ALA B 42 -17.03 16.31 -45.37
C ALA B 42 -15.56 16.08 -45.65
N VAL B 43 -15.12 14.83 -45.50
CA VAL B 43 -13.74 14.42 -45.74
C VAL B 43 -13.75 13.39 -46.87
N MET B 44 -12.83 13.55 -47.81
CA MET B 44 -12.75 12.68 -48.98
C MET B 44 -12.19 11.33 -48.57
N GLY B 45 -13.08 10.34 -48.43
CA GLY B 45 -12.74 9.04 -47.89
C GLY B 45 -13.34 8.76 -46.53
N GLY B 46 -13.99 9.74 -45.90
CA GLY B 46 -14.67 9.52 -44.64
C GLY B 46 -13.77 9.64 -43.43
N PRO B 47 -14.30 9.29 -42.25
CA PRO B 47 -13.54 9.50 -41.01
C PRO B 47 -12.24 8.71 -40.92
N ASN B 48 -12.10 7.61 -41.67
CA ASN B 48 -10.80 6.94 -41.75
C ASN B 48 -9.68 7.91 -42.08
N VAL B 49 -9.96 8.86 -42.98
CA VAL B 49 -8.92 9.78 -43.45
C VAL B 49 -8.51 10.76 -42.35
N ILE B 50 -9.44 11.14 -41.47
CA ILE B 50 -9.09 11.96 -40.31
C ILE B 50 -8.05 11.23 -39.46
N LEU B 51 -8.30 9.96 -39.16
CA LEU B 51 -7.37 9.20 -38.34
C LEU B 51 -6.04 9.02 -39.05
N GLN B 52 -6.08 8.67 -40.35
CA GLN B 52 -4.83 8.43 -41.08
C GLN B 52 -4.02 9.70 -41.26
N ALA B 53 -4.68 10.83 -41.55
CA ALA B 53 -3.95 12.08 -41.66
C ALA B 53 -3.27 12.44 -40.35
N LEU B 54 -3.96 12.23 -39.23
CA LEU B 54 -3.35 12.51 -37.93
C LEU B 54 -2.18 11.57 -37.65
N MET B 55 -2.34 10.27 -37.95
CA MET B 55 -1.24 9.33 -37.77
C MET B 55 -0.05 9.68 -38.68
N ASP B 56 -0.33 10.22 -39.86
CA ASP B 56 0.76 10.60 -40.76
C ASP B 56 1.51 11.80 -40.20
N ALA B 57 0.80 12.76 -39.62
CA ALA B 57 1.48 13.89 -38.98
C ALA B 57 2.30 13.43 -37.79
N LEU B 58 1.80 12.45 -37.04
CA LEU B 58 2.52 11.93 -35.88
C LEU B 58 3.66 10.98 -36.28
N THR B 59 3.58 10.37 -37.47
CA THR B 59 4.46 9.32 -37.99
C THR B 59 4.33 8.06 -37.15
N PRO B 60 4.84 6.91 -37.61
CA PRO B 60 4.80 5.70 -36.78
C PRO B 60 5.55 5.83 -35.46
N ASP B 61 6.48 6.79 -35.35
CA ASP B 61 7.15 7.01 -34.07
C ASP B 61 6.30 7.80 -33.09
N GLY B 62 5.17 8.35 -33.53
CA GLY B 62 4.21 8.99 -32.65
C GLY B 62 3.09 8.03 -32.26
N THR B 63 2.17 8.54 -31.44
CA THR B 63 1.10 7.72 -30.90
C THR B 63 -0.20 8.51 -30.86
N LEU B 64 -1.29 7.85 -31.24
CA LEU B 64 -2.63 8.43 -31.19
C LEU B 64 -3.51 7.57 -30.27
N MET B 65 -4.16 8.20 -29.29
CA MET B 65 -4.96 7.49 -28.30
C MET B 65 -6.35 8.10 -28.20
N MET B 66 -7.37 7.27 -27.98
CA MET B 66 -8.71 7.78 -27.72
C MET B 66 -9.35 7.00 -26.58
N TYR B 67 -10.30 7.64 -25.94
CA TYR B 67 -11.12 7.00 -24.90
C TYR B 67 -12.25 6.24 -25.58
N ALA B 68 -12.22 4.92 -25.48
CA ALA B 68 -13.25 4.05 -26.04
C ALA B 68 -14.32 3.68 -25.03
N GLY B 69 -13.92 3.25 -23.83
CA GLY B 69 -14.89 2.79 -22.86
C GLY B 69 -15.59 1.54 -23.38
N TRP B 70 -16.80 1.31 -22.87
CA TRP B 70 -17.60 0.16 -23.28
C TRP B 70 -19.05 0.61 -23.37
N GLN B 71 -19.57 0.64 -24.60
CA GLN B 71 -20.93 1.13 -24.82
C GLN B 71 -21.96 0.36 -24.02
N ASP B 72 -21.73 -0.94 -23.81
CA ASP B 72 -22.74 -1.80 -23.19
C ASP B 72 -22.38 -2.22 -21.76
N ILE B 73 -21.54 -1.45 -21.08
CA ILE B 73 -21.16 -1.85 -19.72
C ILE B 73 -22.39 -1.83 -18.81
N PRO B 74 -22.68 -2.91 -18.09
CA PRO B 74 -23.88 -2.97 -17.24
C PRO B 74 -23.61 -2.48 -15.82
N ASP B 75 -23.04 -1.29 -15.70
CA ASP B 75 -22.68 -0.78 -14.38
C ASP B 75 -23.88 -0.26 -13.59
N PHE B 76 -25.07 -0.34 -14.16
CA PHE B 76 -26.28 0.22 -13.58
C PHE B 76 -27.17 -0.83 -12.92
N ILE B 77 -26.75 -2.09 -12.88
CA ILE B 77 -27.68 -3.17 -12.57
C ILE B 77 -28.11 -3.15 -11.10
N ASP B 78 -27.35 -2.49 -10.22
CA ASP B 78 -27.78 -2.39 -8.83
C ASP B 78 -29.04 -1.55 -8.65
N SER B 79 -29.35 -0.69 -9.63
CA SER B 79 -30.57 0.12 -9.58
C SER B 79 -31.81 -0.63 -10.01
N LEU B 80 -31.67 -1.83 -10.57
CA LEU B 80 -32.80 -2.57 -11.11
C LEU B 80 -33.45 -3.47 -10.07
N PRO B 81 -34.70 -3.88 -10.30
CA PRO B 81 -35.31 -4.89 -9.43
C PRO B 81 -34.51 -6.18 -9.42
N ASP B 82 -34.60 -6.91 -8.31
CA ASP B 82 -33.78 -8.10 -8.10
C ASP B 82 -33.97 -9.12 -9.23
N ALA B 83 -35.20 -9.28 -9.72
CA ALA B 83 -35.45 -10.27 -10.76
C ALA B 83 -34.76 -9.90 -12.07
N LEU B 84 -34.77 -8.63 -12.44
CA LEU B 84 -34.08 -8.21 -13.66
C LEU B 84 -32.57 -8.25 -13.48
N LYS B 85 -32.09 -7.87 -12.30
CA LYS B 85 -30.67 -7.94 -12.02
C LYS B 85 -30.15 -9.37 -12.11
N ALA B 86 -30.97 -10.34 -11.69
CA ALA B 86 -30.57 -11.74 -11.77
C ALA B 86 -30.34 -12.16 -13.22
N VAL B 87 -31.18 -11.69 -14.13
CA VAL B 87 -31.02 -12.02 -15.54
C VAL B 87 -29.71 -11.42 -16.07
N TYR B 88 -29.44 -10.15 -15.71
CA TYR B 88 -28.19 -9.53 -16.12
C TYR B 88 -26.98 -10.31 -15.64
N LEU B 89 -27.00 -10.75 -14.37
CA LEU B 89 -25.86 -11.50 -13.84
C LEU B 89 -25.66 -12.80 -14.59
N GLU B 90 -26.74 -13.41 -15.08
CA GLU B 90 -26.67 -14.68 -15.79
C GLU B 90 -26.33 -14.52 -17.26
N GLN B 91 -26.84 -13.48 -17.92
CA GLN B 91 -26.86 -13.41 -19.37
C GLN B 91 -26.01 -12.31 -20.00
N HIS B 92 -25.66 -11.27 -19.27
CA HIS B 92 -24.92 -10.18 -19.90
C HIS B 92 -23.50 -10.64 -20.25
N PRO B 93 -23.02 -10.36 -21.46
CA PRO B 93 -21.68 -10.80 -21.83
C PRO B 93 -20.62 -10.04 -21.04
N PRO B 94 -19.44 -10.62 -20.85
CA PRO B 94 -18.36 -9.90 -20.19
C PRO B 94 -17.69 -8.91 -21.15
N PHE B 95 -16.91 -8.01 -20.56
CA PHE B 95 -16.02 -7.15 -21.34
C PHE B 95 -14.98 -8.01 -22.03
N ASP B 96 -15.07 -8.12 -23.35
CA ASP B 96 -14.04 -8.77 -24.16
C ASP B 96 -13.35 -7.67 -24.96
N PRO B 97 -12.07 -7.38 -24.69
CA PRO B 97 -11.44 -6.24 -25.38
C PRO B 97 -11.41 -6.37 -26.89
N ALA B 98 -11.54 -7.59 -27.43
CA ALA B 98 -11.56 -7.77 -28.88
C ALA B 98 -12.84 -7.27 -29.52
N THR B 99 -13.96 -7.29 -28.79
CA THR B 99 -15.27 -6.98 -29.38
C THR B 99 -16.04 -5.86 -28.69
N ALA B 100 -15.69 -5.49 -27.45
CA ALA B 100 -16.50 -4.52 -26.71
C ALA B 100 -16.54 -3.19 -27.45
N ARG B 101 -17.75 -2.77 -27.83
CA ARG B 101 -17.86 -1.58 -28.66
C ARG B 101 -17.60 -0.32 -27.84
N ALA B 102 -17.00 0.67 -28.50
CA ALA B 102 -16.74 1.96 -27.86
C ALA B 102 -18.04 2.70 -27.60
N VAL B 103 -18.04 3.50 -26.53
CA VAL B 103 -19.19 4.36 -26.21
C VAL B 103 -19.52 5.24 -27.40
N ARG B 104 -20.77 5.19 -27.85
CA ARG B 104 -21.15 5.93 -29.06
C ARG B 104 -20.93 7.43 -28.89
N GLU B 105 -21.25 7.97 -27.71
CA GLU B 105 -21.07 9.41 -27.51
C GLU B 105 -19.61 9.81 -27.34
N ASN B 106 -18.65 8.88 -27.43
CA ASN B 106 -17.24 9.20 -27.44
C ASN B 106 -16.74 9.50 -28.86
N SER B 107 -17.66 9.60 -29.81
CA SER B 107 -17.49 9.79 -31.25
C SER B 107 -17.24 8.46 -31.95
N VAL B 108 -17.82 8.31 -33.16
N VAL B 108 -17.82 8.30 -33.15
CA VAL B 108 -17.58 7.11 -33.95
CA VAL B 108 -17.57 7.10 -33.94
C VAL B 108 -16.10 6.94 -34.24
C VAL B 108 -16.09 6.94 -34.25
N LEU B 109 -15.32 8.03 -34.19
CA LEU B 109 -13.88 7.93 -34.39
C LEU B 109 -13.21 7.04 -33.35
N ALA B 110 -13.74 7.03 -32.12
CA ALA B 110 -13.16 6.14 -31.12
C ALA B 110 -13.37 4.68 -31.50
N GLU B 111 -14.55 4.35 -32.04
CA GLU B 111 -14.79 3.00 -32.50
C GLU B 111 -13.97 2.68 -33.75
N PHE B 112 -13.80 3.66 -34.65
CA PHE B 112 -12.92 3.49 -35.80
C PHE B 112 -11.49 3.20 -35.36
N LEU B 113 -10.98 3.93 -34.36
CA LEU B 113 -9.62 3.70 -33.90
C LEU B 113 -9.50 2.38 -33.16
N ARG B 114 -10.54 2.01 -32.41
CA ARG B 114 -10.54 0.74 -31.70
C ARG B 114 -10.34 -0.45 -32.62
N THR B 115 -10.84 -0.36 -33.87
CA THR B 115 -10.75 -1.45 -34.83
C THR B 115 -9.66 -1.20 -35.87
N TRP B 116 -8.72 -0.29 -35.60
CA TRP B 116 -7.62 0.02 -36.51
C TRP B 116 -6.53 -1.05 -36.42
N PRO B 117 -5.84 -1.35 -37.52
CA PRO B 117 -4.70 -2.27 -37.47
C PRO B 117 -3.61 -1.85 -36.47
N VAL B 119 -3.76 -1.76 -33.26
CA VAL B 119 -4.28 -1.06 -32.09
C VAL B 119 -3.96 -1.86 -30.81
N HIS B 120 -3.75 -1.13 -29.71
CA HIS B 120 -3.66 -1.70 -28.38
C HIS B 120 -4.77 -1.11 -27.53
N ARG B 121 -5.34 -1.93 -26.64
CA ARG B 121 -6.48 -1.52 -25.84
C ARG B 121 -6.23 -1.80 -24.36
N SER B 122 -6.55 -0.82 -23.52
CA SER B 122 -6.36 -0.95 -22.08
C SER B 122 -7.49 -1.79 -21.45
N ALA B 123 -7.18 -2.39 -20.30
CA ALA B 123 -8.01 -3.48 -19.76
C ALA B 123 -9.17 -3.00 -18.91
N ASN B 124 -9.16 -1.75 -18.48
CA ASN B 124 -10.24 -1.24 -17.64
C ASN B 124 -11.49 -1.04 -18.49
N PRO B 125 -12.57 -1.78 -18.27
CA PRO B 125 -13.71 -1.68 -19.20
C PRO B 125 -14.31 -0.29 -19.29
N GLU B 126 -14.70 0.30 -18.16
CA GLU B 126 -15.36 1.61 -18.19
C GLU B 126 -14.43 2.70 -18.71
N ALA B 127 -13.14 2.60 -18.42
CA ALA B 127 -12.17 3.64 -18.77
C ALA B 127 -11.27 3.24 -19.93
N SER B 128 -11.70 2.29 -20.76
CA SER B 128 -10.78 1.65 -21.69
C SER B 128 -10.28 2.63 -22.74
N MET B 129 -8.97 2.65 -22.95
CA MET B 129 -8.33 3.50 -23.94
C MET B 129 -7.79 2.63 -25.07
N VAL B 130 -7.80 3.18 -26.29
CA VAL B 130 -7.26 2.50 -27.46
C VAL B 130 -6.20 3.40 -28.08
N ALA B 131 -5.13 2.79 -28.59
CA ALA B 131 -4.03 3.59 -29.11
C ALA B 131 -3.32 2.85 -30.23
N VAL B 132 -2.78 3.63 -31.17
CA VAL B 132 -1.99 3.12 -32.29
C VAL B 132 -0.70 3.93 -32.36
N GLY B 133 0.44 3.25 -32.39
CA GLY B 133 1.71 3.92 -32.57
C GLY B 133 2.76 3.37 -31.62
N ARG B 134 3.92 4.05 -31.61
CA ARG B 134 5.12 3.50 -30.96
C ARG B 134 4.92 3.31 -29.47
N GLN B 135 4.17 4.20 -28.81
N GLN B 135 4.17 4.20 -28.81
CA GLN B 135 3.92 4.10 -27.39
CA GLN B 135 3.90 4.12 -27.38
C GLN B 135 2.51 3.59 -27.08
C GLN B 135 2.51 3.59 -27.08
N ALA B 136 1.88 2.90 -28.02
CA ALA B 136 0.51 2.43 -27.80
C ALA B 136 0.47 1.34 -26.73
N ALA B 137 1.40 0.38 -26.78
CA ALA B 137 1.47 -0.64 -25.74
C ALA B 137 1.80 -0.03 -24.38
N LEU B 138 2.79 0.88 -24.35
CA LEU B 138 3.17 1.54 -23.11
C LEU B 138 1.97 2.23 -22.46
N LEU B 139 1.25 3.04 -23.23
CA LEU B 139 0.16 3.82 -22.66
C LEU B 139 -0.97 2.93 -22.13
N THR B 140 -1.24 1.80 -22.78
CA THR B 140 -2.40 0.99 -22.44
C THR B 140 -2.08 -0.13 -21.44
N ALA B 141 -0.83 -0.30 -21.04
CA ALA B 141 -0.44 -1.43 -20.21
C ALA B 141 -0.86 -1.24 -18.76
N ASN B 142 -1.21 -2.36 -18.12
CA ASN B 142 -1.41 -2.41 -16.67
C ASN B 142 -2.43 -1.36 -16.21
N HIS B 143 -3.51 -1.21 -16.96
CA HIS B 143 -4.56 -0.26 -16.60
C HIS B 143 -5.40 -0.87 -15.48
N ALA B 144 -5.23 -0.36 -14.26
CA ALA B 144 -5.89 -0.93 -13.10
C ALA B 144 -7.41 -0.79 -13.19
N LEU B 145 -8.12 -1.79 -12.67
CA LEU B 145 -9.58 -1.74 -12.70
C LEU B 145 -10.13 -0.68 -11.75
N ASP B 146 -9.55 -0.56 -10.55
CA ASP B 146 -9.99 0.47 -9.63
C ASP B 146 -9.31 1.79 -9.95
N TYR B 147 -10.07 2.89 -9.80
CA TYR B 147 -9.58 4.24 -10.02
C TYR B 147 -8.93 4.36 -11.40
N GLY B 148 -9.77 4.11 -12.41
CA GLY B 148 -9.30 3.99 -13.78
C GLY B 148 -8.82 5.27 -14.42
N TYR B 149 -8.97 6.41 -13.74
CA TYR B 149 -8.42 7.67 -14.21
C TYR B 149 -7.29 8.15 -13.32
N GLY B 150 -6.78 7.28 -12.45
CA GLY B 150 -5.82 7.65 -11.43
C GLY B 150 -4.39 7.31 -11.80
N VAL B 151 -3.62 6.86 -10.81
CA VAL B 151 -2.17 6.73 -10.96
C VAL B 151 -1.81 5.61 -11.94
N GLU B 152 -2.61 4.55 -12.01
CA GLU B 152 -2.29 3.41 -12.87
C GLU B 152 -3.13 3.42 -14.14
N SER B 153 -3.14 4.53 -14.86
CA SER B 153 -4.03 4.70 -16.00
C SER B 153 -3.25 5.24 -17.19
N PRO B 154 -3.79 5.09 -18.40
CA PRO B 154 -3.16 5.73 -19.57
C PRO B 154 -3.08 7.23 -19.49
N LEU B 155 -3.99 7.86 -18.74
CA LEU B 155 -3.94 9.32 -18.60
C LEU B 155 -2.74 9.74 -17.77
N ALA B 156 -2.46 9.03 -16.68
CA ALA B 156 -1.27 9.30 -15.90
C ALA B 156 -0.02 9.14 -16.77
N LYS B 157 0.00 8.12 -17.63
CA LYS B 157 1.16 7.87 -18.46
C LYS B 157 1.31 8.94 -19.54
N LEU B 158 0.18 9.39 -20.10
CA LEU B 158 0.23 10.47 -21.08
C LEU B 158 0.86 11.72 -20.48
N VAL B 159 0.50 12.04 -19.23
CA VAL B 159 1.12 13.16 -18.54
C VAL B 159 2.61 12.90 -18.32
N ALA B 160 2.94 11.68 -17.88
CA ALA B 160 4.33 11.38 -17.53
C ALA B 160 5.26 11.45 -18.73
N ILE B 161 4.79 11.08 -19.92
CA ILE B 161 5.65 11.10 -21.10
C ILE B 161 5.48 12.41 -21.85
N GLU B 162 4.76 13.35 -21.23
CA GLU B 162 4.55 14.70 -21.76
C GLU B 162 3.88 14.67 -23.14
N GLY B 163 2.75 14.00 -23.18
CA GLY B 163 1.90 13.96 -24.35
C GLY B 163 1.00 15.19 -24.47
N TYR B 164 0.05 15.09 -25.40
CA TYR B 164 -0.80 16.22 -25.76
C TYR B 164 -2.25 15.76 -25.88
N VAL B 165 -3.16 16.72 -25.83
CA VAL B 165 -4.58 16.49 -26.05
C VAL B 165 -5.03 17.38 -27.20
N LEU B 166 -5.70 16.79 -28.18
CA LEU B 166 -6.23 17.52 -29.33
C LEU B 166 -7.74 17.47 -29.29
N MET B 167 -8.37 18.66 -29.26
CA MET B 167 -9.82 18.80 -29.35
C MET B 167 -10.16 19.18 -30.77
N LEU B 168 -10.82 18.28 -31.50
CA LEU B 168 -11.10 18.46 -32.91
C LEU B 168 -12.60 18.67 -33.07
N GLY B 169 -13.05 19.91 -32.88
CA GLY B 169 -14.47 20.20 -32.92
C GLY B 169 -15.27 19.60 -31.78
N ALA B 170 -14.60 19.10 -30.74
CA ALA B 170 -15.22 18.51 -29.56
C ALA B 170 -15.42 19.58 -28.49
N PRO B 171 -16.52 19.53 -27.73
CA PRO B 171 -16.70 20.50 -26.66
C PRO B 171 -15.64 20.35 -25.57
N LEU B 172 -15.30 21.47 -24.95
CA LEU B 172 -14.23 21.48 -23.96
C LEU B 172 -14.58 20.70 -22.70
N ASP B 173 -15.85 20.43 -22.45
CA ASP B 173 -16.18 19.63 -21.27
C ASP B 173 -15.96 18.13 -21.48
N THR B 174 -15.49 17.70 -22.67
CA THR B 174 -15.25 16.29 -22.93
C THR B 174 -13.78 15.89 -22.75
N ILE B 175 -12.96 16.71 -22.09
CA ILE B 175 -11.55 16.39 -21.86
C ILE B 175 -11.46 15.37 -20.74
N THR B 176 -11.34 14.09 -21.12
CA THR B 176 -11.26 13.01 -20.13
C THR B 176 -10.07 13.19 -19.19
N LEU B 177 -8.98 13.79 -19.68
CA LEU B 177 -7.81 14.02 -18.84
C LEU B 177 -8.15 14.77 -17.55
N LEU B 178 -9.19 15.62 -17.57
CA LEU B 178 -9.54 16.35 -16.36
C LEU B 178 -10.07 15.45 -15.26
N HIS B 179 -10.57 14.26 -15.60
CA HIS B 179 -10.89 13.29 -14.55
C HIS B 179 -9.62 12.83 -13.82
N HIS B 180 -8.48 12.81 -14.51
CA HIS B 180 -7.22 12.51 -13.85
C HIS B 180 -6.81 13.66 -12.94
N ALA B 181 -7.09 14.90 -13.36
CA ALA B 181 -6.85 16.05 -12.48
C ALA B 181 -7.71 15.96 -11.23
N GLU B 182 -8.97 15.53 -11.36
CA GLU B 182 -9.81 15.32 -10.17
C GLU B 182 -9.18 14.31 -9.23
N TYR B 183 -8.69 13.19 -9.77
CA TYR B 183 -8.06 12.17 -8.95
C TYR B 183 -6.90 12.74 -8.16
N LEU B 184 -6.05 13.54 -8.82
CA LEU B 184 -4.85 14.06 -8.17
C LEU B 184 -5.17 15.13 -7.13
N ALA B 185 -6.23 15.90 -7.34
CA ALA B 185 -6.47 17.08 -6.52
C ALA B 185 -6.96 16.71 -5.12
N LYS B 186 -6.38 17.32 -4.10
CA LYS B 186 -6.86 17.19 -2.73
C LYS B 186 -8.04 18.13 -2.55
N MET B 187 -9.24 17.58 -2.34
CA MET B 187 -10.46 18.36 -2.33
C MET B 187 -11.29 18.04 -1.09
N ARG B 188 -12.12 19.01 -0.70
CA ARG B 188 -12.89 18.89 0.53
C ARG B 188 -13.90 17.75 0.48
N HIS B 189 -14.39 17.40 -0.70
CA HIS B 189 -15.35 16.30 -0.81
C HIS B 189 -15.14 15.52 -2.10
N LYS B 190 -15.14 14.20 -1.99
CA LYS B 190 -15.10 13.30 -3.14
C LYS B 190 -16.16 12.21 -2.99
N ASN B 191 -16.81 11.88 -4.11
CA ASN B 191 -17.73 10.75 -4.15
C ASN B 191 -17.00 9.51 -4.64
N VAL B 192 -17.06 8.44 -3.86
CA VAL B 192 -16.49 7.15 -4.25
C VAL B 192 -17.62 6.19 -4.56
N VAL B 193 -17.54 5.51 -5.70
CA VAL B 193 -18.56 4.55 -6.11
C VAL B 193 -17.94 3.17 -6.23
N ARG B 194 -18.80 2.16 -6.05
CA ARG B 194 -18.47 0.77 -6.35
C ARG B 194 -19.57 0.23 -7.24
N TYR B 195 -19.20 -0.39 -8.35
CA TYR B 195 -20.19 -0.88 -9.29
C TYR B 195 -19.74 -2.22 -9.86
N PRO B 196 -20.69 -3.05 -10.28
CA PRO B 196 -20.32 -4.38 -10.82
C PRO B 196 -19.97 -4.33 -12.29
N CYS B 197 -19.12 -5.27 -12.71
CA CYS B 197 -18.81 -5.31 -14.13
C CYS B 197 -18.32 -6.71 -14.47
N PRO B 198 -18.85 -7.33 -15.53
CA PRO B 198 -18.36 -8.66 -15.94
C PRO B 198 -17.12 -8.54 -16.81
N ILE B 199 -16.09 -9.35 -16.49
CA ILE B 199 -14.84 -9.35 -17.24
C ILE B 199 -14.45 -10.79 -17.55
N LEU B 200 -13.37 -10.92 -18.32
CA LEU B 200 -12.78 -12.22 -18.63
C LEU B 200 -11.59 -12.45 -17.70
N ARG B 201 -11.56 -13.63 -17.09
CA ARG B 201 -10.44 -14.04 -16.24
C ARG B 201 -10.14 -15.48 -16.56
N ASP B 202 -8.95 -15.73 -17.09
CA ASP B 202 -8.56 -17.06 -17.59
C ASP B 202 -9.60 -17.58 -18.58
N GLY B 203 -10.07 -16.70 -19.46
CA GLY B 203 -11.02 -17.06 -20.48
C GLY B 203 -12.44 -17.31 -20.02
N ARG B 204 -12.75 -17.08 -18.75
CA ARG B 204 -14.09 -17.29 -18.23
C ARG B 204 -14.68 -15.97 -17.75
N LYS B 205 -16.01 -15.85 -17.87
CA LYS B 205 -16.71 -14.67 -17.38
C LYS B 205 -16.75 -14.68 -15.87
N VAL B 206 -16.32 -13.57 -15.26
N VAL B 206 -16.34 -13.56 -15.26
CA VAL B 206 -16.41 -13.38 -13.82
CA VAL B 206 -16.38 -13.38 -13.81
C VAL B 206 -16.95 -11.97 -13.57
C VAL B 206 -16.88 -11.97 -13.51
N TRP B 207 -17.79 -11.85 -12.56
CA TRP B 207 -18.29 -10.54 -12.13
C TRP B 207 -17.40 -10.02 -11.02
N VAL B 208 -16.88 -8.80 -11.20
CA VAL B 208 -16.06 -8.14 -10.20
C VAL B 208 -16.74 -6.84 -9.81
N THR B 209 -16.31 -6.29 -8.68
CA THR B 209 -16.71 -4.96 -8.27
C THR B 209 -15.57 -3.99 -8.53
N VAL B 210 -15.88 -2.88 -9.19
CA VAL B 210 -14.92 -1.83 -9.51
C VAL B 210 -15.16 -0.66 -8.57
N GLU B 211 -14.09 -0.13 -7.99
CA GLU B 211 -14.17 1.07 -7.17
C GLU B 211 -13.50 2.22 -7.91
N ASP B 212 -14.12 3.39 -7.88
CA ASP B 212 -13.62 4.53 -8.60
C ASP B 212 -14.20 5.79 -7.97
N TYR B 213 -13.58 6.93 -8.27
CA TYR B 213 -14.28 8.18 -8.04
C TYR B 213 -15.42 8.29 -9.04
N ASP B 214 -16.54 8.83 -8.59
CA ASP B 214 -17.64 9.13 -9.49
C ASP B 214 -17.15 10.02 -10.62
N THR B 215 -17.35 9.59 -11.86
CA THR B 215 -17.08 10.42 -13.01
C THR B 215 -18.35 10.89 -13.70
N GLY B 216 -19.52 10.54 -13.17
CA GLY B 216 -20.77 10.99 -13.77
C GLY B 216 -21.17 12.39 -13.39
N ASP B 217 -20.70 12.88 -12.25
CA ASP B 217 -20.95 14.24 -11.80
C ASP B 217 -19.70 14.79 -11.14
N PRO B 218 -19.51 16.10 -11.15
CA PRO B 218 -18.37 16.68 -10.44
C PRO B 218 -18.48 16.44 -8.93
N HIS B 219 -17.33 16.49 -8.27
CA HIS B 219 -17.27 16.32 -6.82
C HIS B 219 -17.62 17.60 -6.05
N ASP B 220 -17.78 18.71 -6.75
CA ASP B 220 -18.10 19.97 -6.11
C ASP B 220 -18.72 20.90 -7.17
N ASP B 221 -18.78 22.20 -6.85
CA ASP B 221 -19.50 23.16 -7.68
C ASP B 221 -18.58 23.69 -8.78
N TYR B 222 -18.38 22.85 -9.80
CA TYR B 222 -17.54 23.21 -10.94
C TYR B 222 -17.95 22.37 -12.14
N SER B 223 -17.46 22.77 -13.31
CA SER B 223 -17.60 21.98 -14.53
C SER B 223 -16.27 21.95 -15.26
N PHE B 224 -16.07 20.91 -16.07
CA PHE B 224 -14.85 20.82 -16.87
C PHE B 224 -14.77 21.95 -17.89
N GLU B 225 -15.92 22.42 -18.39
N GLU B 225 -15.92 22.40 -18.40
CA GLU B 225 -15.91 23.54 -19.33
CA GLU B 225 -15.91 23.53 -19.33
C GLU B 225 -15.34 24.79 -18.69
C GLU B 225 -15.31 24.77 -18.68
N GLN B 226 -15.64 25.01 -17.41
CA GLN B 226 -15.09 26.16 -16.69
C GLN B 226 -13.57 26.10 -16.65
N ILE B 227 -13.04 24.94 -16.27
CA ILE B 227 -11.59 24.77 -16.14
C ILE B 227 -10.91 24.99 -17.47
N ALA B 228 -11.44 24.37 -18.52
CA ALA B 228 -10.81 24.44 -19.84
C ALA B 228 -10.86 25.86 -20.40
N ARG B 229 -12.00 26.54 -20.26
N ARG B 229 -12.01 26.53 -20.27
N ARG B 229 -12.00 26.55 -20.25
CA ARG B 229 -12.10 27.91 -20.76
CA ARG B 229 -12.13 27.91 -20.74
CA ARG B 229 -12.10 27.91 -20.76
C ARG B 229 -11.19 28.85 -19.99
C ARG B 229 -11.16 28.82 -19.99
C ARG B 229 -11.19 28.86 -19.99
N ASP B 230 -11.05 28.64 -18.68
CA ASP B 230 -10.11 29.44 -17.90
C ASP B 230 -8.68 29.18 -18.34
N TYR B 231 -8.36 27.92 -18.65
CA TYR B 231 -7.03 27.58 -19.15
C TYR B 231 -6.75 28.30 -20.47
N VAL B 232 -7.69 28.25 -21.41
CA VAL B 232 -7.52 28.91 -22.70
C VAL B 232 -7.39 30.42 -22.50
N ALA B 233 -8.22 30.98 -21.61
CA ALA B 233 -8.24 32.43 -21.41
C ALA B 233 -6.90 32.97 -20.91
N GLN B 234 -6.15 32.17 -20.15
CA GLN B 234 -4.85 32.59 -19.65
C GLN B 234 -3.71 32.17 -20.56
N GLY B 235 -3.99 31.84 -21.81
CA GLY B 235 -2.96 31.56 -22.79
C GLY B 235 -2.59 30.10 -22.97
N GLY B 236 -3.36 29.17 -22.40
CA GLY B 236 -2.99 27.77 -22.47
C GLY B 236 -3.34 27.17 -23.83
N GLY B 237 -2.39 26.43 -24.40
CA GLY B 237 -2.65 25.69 -25.61
C GLY B 237 -2.59 26.54 -26.86
N THR B 238 -2.87 25.90 -27.98
N THR B 238 -2.84 25.90 -28.00
CA THR B 238 -2.90 26.54 -29.30
CA THR B 238 -2.91 26.57 -29.27
C THR B 238 -4.25 26.26 -29.95
C THR B 238 -4.26 26.27 -29.92
N ARG B 239 -4.76 27.25 -30.68
CA ARG B 239 -6.06 27.15 -31.34
C ARG B 239 -5.87 27.30 -32.85
N GLY B 240 -6.69 26.59 -33.61
CA GLY B 240 -6.61 26.68 -35.06
C GLY B 240 -7.74 25.92 -35.71
N LYS B 241 -7.78 26.00 -37.04
CA LYS B 241 -8.81 25.34 -37.83
C LYS B 241 -8.27 24.05 -38.44
N VAL B 242 -9.07 23.00 -38.39
CA VAL B 242 -8.79 21.74 -39.08
C VAL B 242 -10.07 21.35 -39.80
N GLY B 243 -10.05 21.41 -41.13
CA GLY B 243 -11.30 21.31 -41.86
C GLY B 243 -12.20 22.46 -41.46
N ASP B 244 -13.46 22.15 -41.18
CA ASP B 244 -14.41 23.14 -40.69
C ASP B 244 -14.42 23.27 -39.17
N ALA B 245 -13.57 22.54 -38.46
CA ALA B 245 -13.66 22.42 -37.02
C ALA B 245 -12.71 23.38 -36.31
N ASP B 246 -13.20 23.97 -35.21
CA ASP B 246 -12.33 24.66 -34.27
C ASP B 246 -11.51 23.62 -33.52
N ALA B 247 -10.18 23.77 -33.53
CA ALA B 247 -9.31 22.80 -32.88
C ALA B 247 -8.49 23.47 -31.78
N TYR B 248 -8.27 22.72 -30.70
CA TYR B 248 -7.42 23.13 -29.59
C TYR B 248 -6.37 22.06 -29.35
N LEU B 249 -5.13 22.47 -29.15
CA LEU B 249 -4.03 21.55 -28.85
C LEU B 249 -3.42 21.94 -27.51
N PHE B 250 -3.50 21.03 -26.53
CA PHE B 250 -3.04 21.26 -25.17
C PHE B 250 -1.91 20.32 -24.83
N ALA B 251 -0.93 20.81 -24.08
CA ALA B 251 0.07 19.95 -23.45
C ALA B 251 -0.54 19.28 -22.23
N ALA B 252 -0.45 17.95 -22.17
CA ALA B 252 -1.14 17.21 -21.10
C ALA B 252 -0.57 17.57 -19.73
N GLN B 253 0.75 17.73 -19.63
CA GLN B 253 1.36 18.06 -18.35
C GLN B 253 0.90 19.42 -17.86
N ASP B 254 0.98 20.44 -18.73
CA ASP B 254 0.61 21.78 -18.30
C ASP B 254 -0.87 21.89 -17.98
N LEU B 255 -1.73 21.25 -18.79
CA LEU B 255 -3.16 21.30 -18.51
C LEU B 255 -3.51 20.61 -17.20
N THR B 256 -2.90 19.45 -16.94
CA THR B 256 -3.16 18.74 -15.68
C THR B 256 -2.72 19.58 -14.49
N ARG B 257 -1.52 20.16 -14.56
CA ARG B 257 -1.04 21.02 -13.48
C ARG B 257 -2.00 22.18 -13.23
N PHE B 258 -2.44 22.84 -14.30
CA PHE B 258 -3.37 23.96 -14.16
C PHE B 258 -4.67 23.52 -13.51
N ALA B 259 -5.22 22.39 -13.96
CA ALA B 259 -6.52 21.95 -13.47
C ALA B 259 -6.45 21.53 -12.01
N VAL B 260 -5.36 20.88 -11.60
CA VAL B 260 -5.20 20.51 -10.21
C VAL B 260 -5.14 21.77 -9.34
N GLN B 261 -4.35 22.76 -9.74
CA GLN B 261 -4.27 24.00 -8.99
C GLN B 261 -5.62 24.73 -9.01
N TRP B 262 -6.33 24.68 -10.14
CA TRP B 262 -7.65 25.29 -10.24
C TRP B 262 -8.61 24.68 -9.22
N LEU B 263 -8.63 23.34 -9.14
CA LEU B 263 -9.53 22.67 -8.21
C LEU B 263 -9.11 22.91 -6.76
N GLU B 264 -7.81 22.84 -6.48
CA GLU B 264 -7.36 22.97 -5.09
C GLU B 264 -7.51 24.39 -4.58
N SER B 265 -7.35 25.39 -5.46
CA SER B 265 -7.54 26.77 -5.00
C SER B 265 -8.98 27.03 -4.60
N ARG B 266 -9.94 26.32 -5.21
CA ARG B 266 -11.35 26.54 -4.93
C ARG B 266 -11.92 25.58 -3.90
N PHE B 267 -11.45 24.32 -3.88
CA PHE B 267 -12.02 23.31 -3.02
C PHE B 267 -10.97 22.57 -2.22
N GLY B 268 -9.73 23.08 -2.19
CA GLY B 268 -8.62 22.36 -1.59
C GLY B 268 -8.40 22.67 -0.12
N ASP B 269 -7.27 22.18 0.38
CA ASP B 269 -6.97 22.22 1.81
C ASP B 269 -6.70 23.65 2.29
N ILE C 9 46.72 21.22 -28.94
CA ILE C 9 45.43 21.88 -28.97
C ILE C 9 44.36 20.98 -28.35
N PRO C 10 43.67 21.48 -27.32
CA PRO C 10 42.54 20.73 -26.76
C PRO C 10 41.45 20.53 -27.80
N HIS C 11 40.74 19.40 -27.68
CA HIS C 11 39.67 19.12 -28.63
C HIS C 11 38.57 20.17 -28.52
N THR C 12 38.08 20.62 -29.66
CA THR C 12 37.08 21.67 -29.72
C THR C 12 35.68 21.09 -29.83
N HIS C 13 34.70 21.93 -29.49
CA HIS C 13 33.30 21.57 -29.67
C HIS C 13 33.04 21.09 -31.10
N ALA C 14 33.51 21.85 -32.09
CA ALA C 14 33.23 21.50 -33.48
C ALA C 14 33.85 20.16 -33.84
N HIS C 15 35.07 19.90 -33.39
CA HIS C 15 35.72 18.64 -33.73
C HIS C 15 35.03 17.46 -33.06
N LEU C 16 34.48 17.65 -31.86
CA LEU C 16 33.76 16.58 -31.21
C LEU C 16 32.43 16.30 -31.92
N VAL C 17 31.69 17.35 -32.28
CA VAL C 17 30.46 17.17 -33.05
C VAL C 17 30.74 16.37 -34.30
N ASP C 18 31.78 16.78 -35.05
CA ASP C 18 32.12 16.10 -36.31
C ASP C 18 32.49 14.63 -36.07
N ALA C 19 33.25 14.35 -35.01
CA ALA C 19 33.64 12.97 -34.72
C ALA C 19 32.44 12.12 -34.33
N PHE C 20 31.52 12.68 -33.54
CA PHE C 20 30.29 11.95 -33.22
C PHE C 20 29.50 11.63 -34.49
N GLN C 21 29.39 12.60 -35.40
CA GLN C 21 28.65 12.36 -36.64
C GLN C 21 29.33 11.32 -37.51
N ALA C 22 30.68 11.34 -37.57
CA ALA C 22 31.40 10.35 -38.36
C ALA C 22 31.20 8.94 -37.80
N LEU C 23 31.10 8.82 -36.48
CA LEU C 23 30.86 7.52 -35.87
C LEU C 23 29.50 6.96 -36.24
N GLY C 24 28.54 7.84 -36.54
CA GLY C 24 27.20 7.39 -36.89
C GLY C 24 26.08 7.98 -36.05
N ILE C 25 26.39 8.93 -35.16
CA ILE C 25 25.36 9.65 -34.43
C ILE C 25 24.55 10.49 -35.41
N ARG C 26 23.23 10.38 -35.34
CA ARG C 26 22.36 11.06 -36.29
C ARG C 26 21.30 11.86 -35.55
N ALA C 27 20.79 12.89 -36.21
CA ALA C 27 19.73 13.71 -35.66
C ALA C 27 18.53 12.84 -35.30
N GLY C 28 17.98 13.08 -34.12
CA GLY C 28 16.76 12.42 -33.69
C GLY C 28 16.95 11.13 -32.91
N GLN C 29 18.17 10.60 -32.87
CA GLN C 29 18.40 9.34 -32.15
C GLN C 29 18.23 9.54 -30.64
N ALA C 30 17.82 8.46 -29.98
CA ALA C 30 17.89 8.37 -28.53
C ALA C 30 19.15 7.59 -28.17
N LEU C 31 19.98 8.15 -27.30
N LEU C 31 20.00 8.17 -27.34
CA LEU C 31 21.33 7.62 -27.09
CA LEU C 31 21.32 7.61 -27.08
C LEU C 31 21.68 7.61 -25.61
C LEU C 31 21.60 7.58 -25.59
N MET C 32 22.15 6.45 -25.13
CA MET C 32 22.64 6.31 -23.77
C MET C 32 24.17 6.31 -23.80
N LEU C 33 24.80 7.12 -22.97
CA LEU C 33 26.24 7.35 -22.99
C LEU C 33 26.92 6.72 -21.79
N HIS C 34 28.02 6.00 -22.03
CA HIS C 34 28.97 5.61 -21.00
C HIS C 34 30.32 6.21 -21.40
N ALA C 35 31.02 6.84 -20.47
CA ALA C 35 32.16 7.64 -20.89
C ALA C 35 33.29 7.64 -19.85
N SER C 36 34.48 7.97 -20.34
CA SER C 36 35.63 8.31 -19.52
C SER C 36 36.15 9.67 -19.99
N VAL C 37 36.09 10.67 -19.10
CA VAL C 37 36.60 11.99 -19.45
C VAL C 37 38.09 11.93 -19.76
N LYS C 38 38.83 11.16 -18.96
CA LYS C 38 40.28 11.04 -19.18
C LYS C 38 40.59 10.43 -20.53
N ALA C 39 39.80 9.45 -20.96
CA ALA C 39 40.05 8.78 -22.24
C ALA C 39 39.88 9.74 -23.41
N VAL C 40 38.94 10.69 -23.31
CA VAL C 40 38.72 11.64 -24.39
C VAL C 40 39.92 12.58 -24.55
N GLY C 41 40.60 12.90 -23.45
CA GLY C 41 41.67 13.87 -23.50
C GLY C 41 41.16 15.27 -23.30
N ALA C 42 42.11 16.22 -23.25
CA ALA C 42 41.79 17.61 -22.96
C ALA C 42 40.77 18.17 -23.94
N VAL C 43 39.71 18.77 -23.42
CA VAL C 43 38.66 19.38 -24.22
C VAL C 43 38.59 20.87 -23.88
N MET C 44 38.51 21.70 -24.91
CA MET C 44 38.49 23.16 -24.74
C MET C 44 37.14 23.57 -24.18
N GLY C 45 37.09 23.88 -22.89
CA GLY C 45 35.85 24.14 -22.18
C GLY C 45 35.46 23.06 -21.19
N GLY C 46 36.17 21.93 -21.15
CA GLY C 46 35.91 20.90 -20.17
C GLY C 46 34.81 19.93 -20.57
N PRO C 47 34.41 19.07 -19.63
CA PRO C 47 33.45 17.99 -19.97
C PRO C 47 32.07 18.49 -20.39
N ASN C 48 31.68 19.71 -20.01
CA ASN C 48 30.43 20.28 -20.54
C ASN C 48 30.39 20.18 -22.04
N VAL C 49 31.54 20.43 -22.69
CA VAL C 49 31.59 20.47 -24.14
C VAL C 49 31.37 19.10 -24.74
N ILE C 50 31.81 18.03 -24.06
CA ILE C 50 31.50 16.68 -24.52
C ILE C 50 29.98 16.48 -24.59
N LEU C 51 29.28 16.86 -23.52
CA LEU C 51 27.83 16.71 -23.49
C LEU C 51 27.17 17.60 -24.53
N GLN C 52 27.61 18.86 -24.63
CA GLN C 52 26.98 19.78 -25.57
C GLN C 52 27.22 19.36 -27.01
N ALA C 53 28.44 18.90 -27.32
CA ALA C 53 28.72 18.43 -28.68
C ALA C 53 27.86 17.23 -29.02
N LEU C 54 27.71 16.29 -28.09
CA LEU C 54 26.87 15.13 -28.34
C LEU C 54 25.42 15.54 -28.56
N MET C 55 24.91 16.46 -27.73
N MET C 55 24.92 16.43 -27.69
CA MET C 55 23.53 16.89 -27.89
CA MET C 55 23.56 16.94 -27.86
C MET C 55 23.32 17.79 -29.10
C MET C 55 23.39 17.61 -29.22
N ASP C 56 24.41 18.34 -29.67
CA ASP C 56 24.30 19.05 -30.94
C ASP C 56 24.25 18.06 -32.10
N ALA C 57 25.02 16.98 -32.02
CA ALA C 57 24.94 15.94 -33.05
C ALA C 57 23.57 15.29 -33.07
N LEU C 58 22.96 15.12 -31.89
CA LEU C 58 21.64 14.54 -31.76
C LEU C 58 20.53 15.53 -32.13
N THR C 59 20.81 16.83 -32.05
CA THR C 59 19.88 17.94 -32.22
C THR C 59 18.82 17.90 -31.12
N PRO C 60 18.04 18.97 -30.93
CA PRO C 60 16.98 18.93 -29.91
C PRO C 60 15.93 17.86 -30.14
N ASP C 61 15.84 17.31 -31.35
CA ASP C 61 14.92 16.22 -31.62
C ASP C 61 15.45 14.87 -31.14
N GLY C 62 16.73 14.79 -30.79
CA GLY C 62 17.29 13.60 -30.19
C GLY C 62 17.29 13.68 -28.66
N THR C 63 17.79 12.61 -28.03
CA THR C 63 17.78 12.50 -26.59
C THR C 63 19.08 11.86 -26.12
N LEU C 64 19.64 12.40 -25.04
CA LEU C 64 20.85 11.86 -24.42
C LEU C 64 20.53 11.44 -22.99
N MET C 65 20.91 10.21 -22.63
CA MET C 65 20.60 9.64 -21.33
C MET C 65 21.86 9.04 -20.71
N MET C 66 21.96 9.14 -19.38
CA MET C 66 23.06 8.53 -18.66
C MET C 66 22.53 7.86 -17.39
N TYR C 67 23.26 6.86 -16.90
CA TYR C 67 22.95 6.22 -15.63
C TYR C 67 23.59 7.01 -14.50
N ALA C 68 22.77 7.63 -13.66
CA ALA C 68 23.27 8.42 -12.54
C ALA C 68 23.33 7.61 -11.24
N GLY C 69 22.27 6.88 -10.92
CA GLY C 69 22.23 6.19 -9.63
C GLY C 69 22.22 7.21 -8.49
N TRP C 70 22.68 6.74 -7.33
CA TRP C 70 22.76 7.58 -6.13
C TRP C 70 24.03 7.23 -5.37
N GLN C 71 24.97 8.17 -5.35
CA GLN C 71 26.27 7.92 -4.72
C GLN C 71 26.14 7.54 -3.25
N ASP C 72 25.15 8.09 -2.56
CA ASP C 72 25.06 7.91 -1.11
C ASP C 72 23.94 6.97 -0.70
N ILE C 73 23.53 6.07 -1.58
CA ILE C 73 22.41 5.18 -1.22
C ILE C 73 22.82 4.31 -0.04
N PRO C 74 22.03 4.27 1.05
CA PRO C 74 22.40 3.48 2.23
C PRO C 74 21.84 2.06 2.20
N ASP C 75 22.10 1.35 1.11
CA ASP C 75 21.56 0.00 0.96
C ASP C 75 22.31 -1.04 1.77
N PHE C 76 23.33 -0.64 2.53
CA PHE C 76 24.21 -1.53 3.26
C PHE C 76 23.90 -1.61 4.74
N ILE C 77 22.84 -0.95 5.21
CA ILE C 77 22.70 -0.72 6.66
C ILE C 77 22.45 -2.00 7.44
N ASP C 78 21.96 -3.07 6.79
CA ASP C 78 21.78 -4.33 7.52
C ASP C 78 23.11 -4.95 7.94
N SER C 79 24.21 -4.60 7.28
CA SER C 79 25.53 -5.10 7.62
C SER C 79 26.17 -4.37 8.78
N LEU C 80 25.59 -3.26 9.24
CA LEU C 80 26.16 -2.42 10.29
C LEU C 80 25.73 -2.91 11.67
N PRO C 81 26.41 -2.50 12.72
CA PRO C 81 25.91 -2.79 14.06
C PRO C 81 24.52 -2.18 14.23
N ASP C 82 23.69 -2.86 15.03
CA ASP C 82 22.28 -2.49 15.15
C ASP C 82 22.12 -1.04 15.58
N ALA C 83 22.96 -0.58 16.51
CA ALA C 83 22.85 0.80 17.00
C ALA C 83 23.17 1.81 15.91
N LEU C 84 24.12 1.49 15.04
CA LEU C 84 24.44 2.38 13.93
C LEU C 84 23.33 2.37 12.88
N LYS C 85 22.76 1.18 12.61
CA LYS C 85 21.63 1.11 11.69
C LYS C 85 20.48 1.98 12.13
N ALA C 86 20.19 1.99 13.45
CA ALA C 86 19.12 2.83 13.97
C ALA C 86 19.40 4.31 13.71
N VAL C 87 20.66 4.73 13.82
CA VAL C 87 21.01 6.11 13.52
C VAL C 87 20.76 6.41 12.05
N TYR C 88 21.17 5.50 11.16
CA TYR C 88 20.90 5.67 9.73
C TYR C 88 19.41 5.82 9.47
N LEU C 89 18.59 4.99 10.12
CA LEU C 89 17.14 5.05 9.91
C LEU C 89 16.58 6.40 10.34
N GLU C 90 17.18 7.03 11.35
CA GLU C 90 16.71 8.32 11.83
C GLU C 90 17.29 9.49 11.03
N GLN C 91 18.58 9.40 10.65
CA GLN C 91 19.32 10.58 10.22
C GLN C 91 19.73 10.61 8.75
N HIS C 92 19.79 9.46 8.07
CA HIS C 92 20.25 9.48 6.68
C HIS C 92 19.19 10.15 5.80
N PRO C 93 19.57 11.05 4.91
CA PRO C 93 18.57 11.71 4.06
C PRO C 93 17.95 10.74 3.09
N PRO C 94 16.73 11.01 2.62
CA PRO C 94 16.11 10.17 1.60
C PRO C 94 16.64 10.53 0.21
N PHE C 95 16.35 9.65 -0.75
CA PHE C 95 16.60 9.96 -2.15
C PHE C 95 15.72 11.13 -2.57
N ASP C 96 16.33 12.28 -2.80
CA ASP C 96 15.64 13.44 -3.36
C ASP C 96 16.17 13.63 -4.78
N PRO C 97 15.36 13.41 -5.82
CA PRO C 97 15.90 13.49 -7.18
C PRO C 97 16.48 14.86 -7.52
N ALA C 98 16.10 15.90 -6.80
CA ALA C 98 16.64 17.23 -7.07
C ALA C 98 18.10 17.36 -6.64
N THR C 99 18.51 16.62 -5.62
CA THR C 99 19.84 16.80 -5.03
C THR C 99 20.71 15.55 -4.97
N ALA C 100 20.13 14.35 -5.10
CA ALA C 100 20.90 13.12 -4.92
C ALA C 100 22.03 13.03 -5.94
N ARG C 101 23.27 12.94 -5.46
CA ARG C 101 24.42 13.02 -6.35
C ARG C 101 24.60 11.70 -7.12
N ALA C 102 25.07 11.82 -8.36
CA ALA C 102 25.32 10.64 -9.17
C ALA C 102 26.49 9.84 -8.63
N VAL C 103 26.44 8.52 -8.84
CA VAL C 103 27.55 7.65 -8.47
C VAL C 103 28.83 8.14 -9.13
N ARG C 104 29.86 8.37 -8.33
CA ARG C 104 31.10 8.93 -8.88
C ARG C 104 31.70 7.99 -9.92
N GLU C 105 31.62 6.69 -9.69
CA GLU C 105 32.21 5.74 -10.64
C GLU C 105 31.41 5.60 -11.93
N ASN C 106 30.29 6.30 -12.07
CA ASN C 106 29.53 6.34 -13.32
C ASN C 106 30.01 7.43 -14.26
N SER C 107 31.15 8.06 -13.93
CA SER C 107 31.76 9.21 -14.58
C SER C 107 31.19 10.53 -14.05
N VAL C 108 32.07 11.52 -13.89
CA VAL C 108 31.62 12.87 -13.56
C VAL C 108 30.64 13.37 -14.61
N LEU C 109 30.72 12.85 -15.84
CA LEU C 109 29.79 13.25 -16.89
C LEU C 109 28.33 12.95 -16.50
N ALA C 110 28.10 11.86 -15.77
CA ALA C 110 26.74 11.56 -15.32
C ALA C 110 26.24 12.62 -14.35
N GLU C 111 27.12 13.10 -13.46
CA GLU C 111 26.72 14.17 -12.55
C GLU C 111 26.55 15.49 -13.30
N PHE C 112 27.40 15.74 -14.31
CA PHE C 112 27.24 16.91 -15.17
C PHE C 112 25.89 16.90 -15.88
N LEU C 113 25.49 15.73 -16.41
CA LEU C 113 24.22 15.65 -17.13
C LEU C 113 23.04 15.72 -16.15
N ARG C 114 23.19 15.16 -14.95
CA ARG C 114 22.13 15.23 -13.95
C ARG C 114 21.74 16.67 -13.62
N THR C 115 22.69 17.60 -13.67
CA THR C 115 22.45 19.00 -13.34
C THR C 115 22.36 19.89 -14.59
N TRP C 116 22.12 19.30 -15.76
CA TRP C 116 21.98 20.03 -17.01
C TRP C 116 20.59 20.68 -17.10
N PRO C 117 20.47 21.85 -17.74
CA PRO C 117 19.15 22.46 -17.97
C PRO C 117 18.18 21.53 -18.69
N VAL C 119 16.84 18.82 -17.70
CA VAL C 119 17.06 17.40 -17.45
C VAL C 119 15.81 16.79 -16.81
N HIS C 120 15.57 15.52 -17.11
CA HIS C 120 14.56 14.71 -16.44
C HIS C 120 15.27 13.55 -15.75
N ARG C 121 14.78 13.16 -14.58
CA ARG C 121 15.43 12.12 -13.78
C ARG C 121 14.42 11.06 -13.35
N SER C 122 14.80 9.79 -13.51
CA SER C 122 13.92 8.70 -13.14
C SER C 122 13.95 8.45 -11.63
N ALA C 123 12.87 7.84 -11.12
CA ALA C 123 12.57 7.81 -9.71
C ALA C 123 13.24 6.68 -8.94
N ASN C 124 13.74 5.65 -9.62
CA ASN C 124 14.37 4.53 -8.94
C ASN C 124 15.73 4.97 -8.41
N PRO C 125 15.94 5.03 -7.09
CA PRO C 125 17.21 5.61 -6.59
C PRO C 125 18.45 4.88 -7.08
N GLU C 126 18.51 3.57 -6.87
CA GLU C 126 19.71 2.80 -7.21
C GLU C 126 19.96 2.83 -8.72
N ALA C 127 18.90 2.82 -9.53
CA ALA C 127 19.02 2.69 -10.98
C ALA C 127 18.73 3.99 -11.70
N SER C 128 18.84 5.13 -11.03
CA SER C 128 18.23 6.35 -11.55
C SER C 128 18.94 6.81 -12.82
N MET C 129 18.15 7.14 -13.84
CA MET C 129 18.67 7.63 -15.11
C MET C 129 18.32 9.10 -15.29
N VAL C 130 19.19 9.83 -16.00
CA VAL C 130 18.97 11.24 -16.31
C VAL C 130 19.01 11.41 -17.82
N ALA C 131 18.18 12.30 -18.35
CA ALA C 131 18.11 12.47 -19.80
C ALA C 131 17.73 13.89 -20.15
N VAL C 132 18.22 14.35 -21.31
CA VAL C 132 17.91 15.66 -21.87
C VAL C 132 17.54 15.47 -23.34
N GLY C 133 16.42 16.03 -23.75
CA GLY C 133 16.04 16.02 -25.16
C GLY C 133 14.58 15.68 -25.35
N ARG C 134 14.21 15.43 -26.61
CA ARG C 134 12.81 15.33 -27.00
C ARG C 134 12.08 14.23 -26.24
N GLN C 135 12.73 13.08 -26.05
CA GLN C 135 12.11 11.93 -25.40
C GLN C 135 12.64 11.70 -23.98
N ALA C 136 13.15 12.75 -23.34
CA ALA C 136 13.71 12.61 -22.00
C ALA C 136 12.65 12.26 -20.97
N ALA C 137 11.48 12.91 -21.05
CA ALA C 137 10.40 12.58 -20.14
C ALA C 137 9.93 11.14 -20.35
N LEU C 138 9.77 10.72 -21.61
CA LEU C 138 9.37 9.35 -21.91
C LEU C 138 10.34 8.35 -21.29
N LEU C 139 11.64 8.52 -21.54
CA LEU C 139 12.61 7.53 -21.10
C LEU C 139 12.63 7.40 -19.58
N THR C 140 12.45 8.51 -18.86
CA THR C 140 12.63 8.50 -17.42
C THR C 140 11.32 8.28 -16.65
N ALA C 141 10.19 8.20 -17.35
CA ALA C 141 8.89 8.16 -16.69
C ALA C 141 8.61 6.80 -16.06
N ASN C 142 7.93 6.83 -14.91
N ASN C 142 7.93 6.82 -14.91
CA ASN C 142 7.36 5.64 -14.26
CA ASN C 142 7.36 5.60 -14.31
C ASN C 142 8.40 4.51 -14.15
C ASN C 142 8.40 4.50 -14.16
N HIS C 143 9.59 4.86 -13.68
CA HIS C 143 10.65 3.89 -13.45
C HIS C 143 10.33 3.13 -12.17
N ALA C 144 9.98 1.84 -12.30
CA ALA C 144 9.56 1.06 -11.15
C ALA C 144 10.69 0.91 -10.14
N LEU C 145 10.33 0.91 -8.85
CA LEU C 145 11.32 0.75 -7.80
C LEU C 145 11.88 -0.67 -7.77
N ASP C 146 11.03 -1.68 -7.91
CA ASP C 146 11.48 -3.06 -7.98
C ASP C 146 11.87 -3.42 -9.40
N TYR C 147 12.94 -4.20 -9.54
CA TYR C 147 13.45 -4.68 -10.82
C TYR C 147 13.66 -3.52 -11.77
N GLY C 148 14.54 -2.62 -11.34
CA GLY C 148 14.78 -1.35 -12.00
C GLY C 148 15.47 -1.44 -13.34
N TYR C 149 15.90 -2.63 -13.75
CA TYR C 149 16.44 -2.82 -15.08
C TYR C 149 15.52 -3.65 -15.96
N GLY C 150 14.27 -3.81 -15.55
CA GLY C 150 13.32 -4.72 -16.18
C GLY C 150 12.35 -4.02 -17.12
N VAL C 151 11.09 -4.48 -17.09
CA VAL C 151 10.11 -4.06 -18.08
C VAL C 151 9.73 -2.59 -17.90
N GLU C 152 9.66 -2.12 -16.65
N GLU C 152 9.63 -2.13 -16.65
CA GLU C 152 9.27 -0.75 -16.35
CA GLU C 152 9.26 -0.73 -16.39
C GLU C 152 10.49 0.11 -16.07
C GLU C 152 10.50 0.08 -16.05
N SER C 153 11.34 0.27 -17.07
CA SER C 153 12.62 0.93 -16.89
C SER C 153 12.96 1.77 -18.10
N PRO C 154 13.86 2.73 -17.95
CA PRO C 154 14.36 3.49 -19.11
C PRO C 154 15.05 2.61 -20.14
N LEU C 155 15.62 1.47 -19.70
CA LEU C 155 16.30 0.57 -20.62
C LEU C 155 15.31 -0.13 -21.54
N ALA C 156 14.18 -0.60 -20.99
CA ALA C 156 13.14 -1.17 -21.83
C ALA C 156 12.66 -0.16 -22.86
N LYS C 157 12.51 1.10 -22.46
CA LYS C 157 12.00 2.10 -23.38
C LYS C 157 13.04 2.45 -24.44
N LEU C 158 14.32 2.48 -24.06
CA LEU C 158 15.38 2.71 -25.04
C LEU C 158 15.38 1.64 -26.11
N VAL C 159 15.17 0.37 -25.72
CA VAL C 159 15.05 -0.71 -26.69
C VAL C 159 13.83 -0.51 -27.58
N ALA C 160 12.70 -0.13 -26.97
CA ALA C 160 11.44 -0.05 -27.71
C ALA C 160 11.50 1.02 -28.80
N ILE C 161 12.20 2.13 -28.55
CA ILE C 161 12.27 3.21 -29.53
C ILE C 161 13.51 3.07 -30.40
N GLU C 162 14.16 1.91 -30.32
CA GLU C 162 15.34 1.59 -31.14
C GLU C 162 16.43 2.62 -30.96
N GLY C 163 16.79 2.85 -29.70
CA GLY C 163 17.86 3.76 -29.36
C GLY C 163 19.21 3.08 -29.48
N TYR C 164 20.22 3.80 -29.01
CA TYR C 164 21.61 3.39 -29.17
C TYR C 164 22.36 3.56 -27.85
N VAL C 165 23.49 2.89 -27.77
CA VAL C 165 24.41 3.00 -26.64
C VAL C 165 25.77 3.41 -27.20
N LEU C 166 26.34 4.46 -26.62
CA LEU C 166 27.66 4.95 -27.03
C LEU C 166 28.65 4.72 -25.89
N MET C 167 29.71 3.96 -26.18
CA MET C 167 30.81 3.77 -25.25
C MET C 167 31.93 4.72 -25.67
N LEU C 168 32.21 5.72 -24.85
CA LEU C 168 33.17 6.77 -25.16
C LEU C 168 34.37 6.60 -24.24
N GLY C 169 35.29 5.73 -24.65
CA GLY C 169 36.44 5.41 -23.81
C GLY C 169 36.08 4.67 -22.53
N ALA C 170 34.86 4.17 -22.42
CA ALA C 170 34.39 3.41 -21.26
C ALA C 170 34.61 1.92 -21.50
N PRO C 171 34.98 1.16 -20.47
CA PRO C 171 35.17 -0.28 -20.65
C PRO C 171 33.87 -0.97 -21.03
N LEU C 172 33.99 -2.04 -21.82
CA LEU C 172 32.81 -2.73 -22.31
C LEU C 172 32.02 -3.41 -21.20
N ASP C 173 32.62 -3.61 -20.03
N ASP C 173 32.60 -3.63 -20.03
CA ASP C 173 31.95 -4.20 -18.88
CA ASP C 173 31.82 -4.25 -18.97
C ASP C 173 30.91 -3.28 -18.27
C ASP C 173 30.93 -3.27 -18.21
N THR C 174 30.89 -2.00 -18.63
CA THR C 174 30.02 -1.01 -17.99
C THR C 174 28.73 -0.74 -18.77
N ILE C 175 28.36 -1.62 -19.71
CA ILE C 175 27.15 -1.45 -20.51
C ILE C 175 25.96 -1.81 -19.62
N THR C 176 25.33 -0.79 -19.04
CA THR C 176 24.19 -1.00 -18.15
C THR C 176 23.04 -1.71 -18.85
N LEU C 177 22.88 -1.48 -20.16
CA LEU C 177 21.82 -2.14 -20.92
C LEU C 177 21.86 -3.65 -20.78
N LEU C 178 23.03 -4.25 -20.55
CA LEU C 178 23.09 -5.70 -20.42
C LEU C 178 22.43 -6.20 -19.14
N HIS C 179 22.24 -5.33 -18.14
CA HIS C 179 21.42 -5.73 -17.00
C HIS C 179 19.96 -5.92 -17.41
N HIS C 180 19.50 -5.20 -18.43
CA HIS C 180 18.16 -5.43 -18.94
C HIS C 180 18.09 -6.77 -19.67
N ALA C 181 19.15 -7.13 -20.39
CA ALA C 181 19.20 -8.46 -21.00
C ALA C 181 19.18 -9.56 -19.95
N GLU C 182 19.89 -9.36 -18.83
CA GLU C 182 19.82 -10.32 -17.73
C GLU C 182 18.39 -10.49 -17.23
N TYR C 183 17.68 -9.38 -17.07
CA TYR C 183 16.30 -9.43 -16.62
C TYR C 183 15.45 -10.26 -17.57
N LEU C 184 15.61 -10.04 -18.88
CA LEU C 184 14.77 -10.70 -19.87
C LEU C 184 15.10 -12.19 -20.05
N ALA C 185 16.36 -12.56 -19.90
CA ALA C 185 16.80 -13.89 -20.32
C ALA C 185 16.26 -14.98 -19.39
N LYS C 186 15.80 -16.07 -20.01
CA LYS C 186 15.35 -17.26 -19.27
C LYS C 186 16.58 -18.05 -18.85
N MET C 187 17.01 -17.85 -17.61
CA MET C 187 18.19 -18.50 -17.08
C MET C 187 17.80 -19.46 -15.96
N ARG C 188 18.68 -20.43 -15.70
CA ARG C 188 18.34 -21.47 -14.73
C ARG C 188 18.13 -20.90 -13.33
N HIS C 189 18.96 -19.94 -12.93
CA HIS C 189 18.77 -19.30 -11.63
C HIS C 189 19.32 -17.88 -11.67
N LYS C 190 18.57 -16.96 -11.06
CA LYS C 190 19.02 -15.58 -10.86
C LYS C 190 18.92 -15.26 -9.38
N ASN C 191 19.89 -14.51 -8.88
CA ASN C 191 19.90 -14.13 -7.48
C ASN C 191 19.07 -12.87 -7.29
N VAL C 192 18.16 -12.92 -6.33
CA VAL C 192 17.29 -11.79 -5.99
C VAL C 192 17.80 -11.16 -4.71
N VAL C 193 17.89 -9.83 -4.68
CA VAL C 193 18.30 -9.11 -3.49
C VAL C 193 17.12 -8.25 -3.05
N ARG C 194 17.01 -8.07 -1.73
CA ARG C 194 16.03 -7.16 -1.14
C ARG C 194 16.78 -6.26 -0.17
N TYR C 195 16.66 -4.95 -0.34
CA TYR C 195 17.44 -4.03 0.48
C TYR C 195 16.61 -2.82 0.85
N PRO C 196 16.91 -2.18 1.98
CA PRO C 196 16.16 -1.00 2.39
C PRO C 196 16.69 0.26 1.72
N CYS C 197 15.79 1.22 1.51
CA CYS C 197 16.17 2.47 0.88
C CYS C 197 15.20 3.58 1.29
N PRO C 198 15.70 4.75 1.71
CA PRO C 198 14.81 5.87 2.02
C PRO C 198 14.44 6.67 0.77
N ILE C 199 13.14 6.93 0.62
CA ILE C 199 12.63 7.70 -0.50
C ILE C 199 11.69 8.79 0.02
N LEU C 200 11.23 9.64 -0.89
CA LEU C 200 10.24 10.66 -0.58
C LEU C 200 8.87 10.18 -1.01
N ARG C 201 7.90 10.28 -0.10
CA ARG C 201 6.51 9.95 -0.37
C ARG C 201 5.64 10.99 0.33
N ASP C 202 4.86 11.73 -0.44
CA ASP C 202 4.09 12.86 0.07
C ASP C 202 5.00 13.85 0.79
N GLY C 203 6.19 14.07 0.23
CA GLY C 203 7.13 15.02 0.80
C GLY C 203 7.78 14.59 2.09
N ARG C 204 7.54 13.37 2.55
CA ARG C 204 8.09 12.87 3.79
C ARG C 204 9.01 11.68 3.51
N LYS C 205 10.00 11.51 4.38
CA LYS C 205 10.92 10.38 4.26
C LYS C 205 10.23 9.09 4.66
N VAL C 206 10.34 8.06 3.82
N VAL C 206 10.37 8.05 3.83
CA VAL C 206 9.87 6.72 4.16
CA VAL C 206 9.84 6.72 4.11
C VAL C 206 10.92 5.73 3.72
C VAL C 206 10.88 5.70 3.69
N TRP C 207 11.15 4.72 4.55
CA TRP C 207 12.05 3.64 4.21
C TRP C 207 11.24 2.51 3.59
N VAL C 208 11.63 2.08 2.39
CA VAL C 208 10.95 1.01 1.69
C VAL C 208 11.94 -0.12 1.44
N THR C 209 11.38 -1.27 1.09
CA THR C 209 12.17 -2.42 0.68
C THR C 209 12.16 -2.48 -0.85
N VAL C 210 13.35 -2.54 -1.45
CA VAL C 210 13.51 -2.63 -2.89
C VAL C 210 13.92 -4.06 -3.23
N GLU C 211 13.24 -4.65 -4.21
CA GLU C 211 13.57 -5.97 -4.70
C GLU C 211 14.12 -5.87 -6.12
N ASP C 212 15.20 -6.60 -6.38
CA ASP C 212 15.82 -6.56 -7.70
C ASP C 212 16.64 -7.81 -7.89
N TYR C 213 16.97 -8.09 -9.14
CA TYR C 213 18.03 -9.03 -9.42
C TYR C 213 19.36 -8.41 -9.01
N ASP C 214 20.25 -9.24 -8.48
CA ASP C 214 21.60 -8.79 -8.16
C ASP C 214 22.25 -8.16 -9.38
N THR C 215 22.70 -6.91 -9.24
CA THR C 215 23.47 -6.25 -10.28
C THR C 215 24.92 -6.04 -9.89
N GLY C 216 25.33 -6.49 -8.70
CA GLY C 216 26.73 -6.38 -8.32
C GLY C 216 27.58 -7.52 -8.82
N ASP C 217 26.98 -8.67 -9.08
CA ASP C 217 27.67 -9.85 -9.59
C ASP C 217 26.80 -10.53 -10.62
N PRO C 218 27.42 -11.26 -11.57
CA PRO C 218 26.63 -12.02 -12.54
C PRO C 218 25.86 -13.16 -11.90
N HIS C 219 24.79 -13.57 -12.58
CA HIS C 219 23.96 -14.67 -12.10
C HIS C 219 24.53 -16.03 -12.48
N ASP C 220 25.61 -16.06 -13.26
CA ASP C 220 26.25 -17.29 -13.68
C ASP C 220 27.68 -16.95 -14.07
N ASP C 221 28.35 -17.87 -14.77
CA ASP C 221 29.78 -17.76 -15.08
C ASP C 221 29.94 -16.95 -16.37
N TYR C 222 29.80 -15.63 -16.25
CA TYR C 222 29.94 -14.76 -17.41
C TYR C 222 30.32 -13.36 -16.95
N SER C 223 30.72 -12.53 -17.93
CA SER C 223 30.98 -11.12 -17.72
C SER C 223 30.34 -10.33 -18.85
N PHE C 224 30.02 -9.06 -18.56
CA PHE C 224 29.48 -8.19 -19.60
C PHE C 224 30.50 -7.94 -20.70
N GLU C 225 31.78 -7.78 -20.34
CA GLU C 225 32.81 -7.58 -21.35
C GLU C 225 32.88 -8.78 -22.30
N GLN C 226 32.66 -9.98 -21.77
CA GLN C 226 32.65 -11.18 -22.61
C GLN C 226 31.54 -11.12 -23.63
N ILE C 227 30.32 -10.75 -23.19
CA ILE C 227 29.20 -10.65 -24.12
C ILE C 227 29.47 -9.60 -25.18
N ALA C 228 29.96 -8.43 -24.74
CA ALA C 228 30.17 -7.31 -25.66
C ALA C 228 31.27 -7.64 -26.67
N ARG C 229 32.35 -8.28 -26.21
CA ARG C 229 33.43 -8.65 -27.13
C ARG C 229 32.95 -9.68 -28.15
N ASP C 230 32.14 -10.64 -27.72
CA ASP C 230 31.55 -11.59 -28.66
C ASP C 230 30.66 -10.87 -29.67
N TYR C 231 29.89 -9.89 -29.20
CA TYR C 231 29.03 -9.11 -30.10
C TYR C 231 29.86 -8.39 -31.15
N VAL C 232 30.94 -7.73 -30.73
CA VAL C 232 31.81 -7.02 -31.68
C VAL C 232 32.43 -8.00 -32.67
N ALA C 233 32.84 -9.18 -32.19
CA ALA C 233 33.54 -10.14 -33.05
C ALA C 233 32.65 -10.64 -34.18
N GLN C 234 31.33 -10.72 -33.97
CA GLN C 234 30.42 -11.16 -35.02
C GLN C 234 29.84 -10.00 -35.82
N GLY C 235 30.49 -8.84 -35.80
CA GLY C 235 30.12 -7.73 -36.64
C GLY C 235 29.18 -6.72 -36.01
N GLY C 236 28.94 -6.80 -34.70
CA GLY C 236 27.99 -5.90 -34.07
C GLY C 236 28.59 -4.53 -33.78
N GLY C 237 27.81 -3.49 -34.09
CA GLY C 237 28.17 -2.13 -33.73
C GLY C 237 29.17 -1.50 -34.67
N THR C 238 29.47 -0.24 -34.38
CA THR C 238 30.45 0.54 -35.13
C THR C 238 31.51 1.09 -34.18
N ARG C 239 32.72 1.24 -34.69
CA ARG C 239 33.86 1.65 -33.89
C ARG C 239 34.56 2.84 -34.53
N GLY C 240 35.07 3.74 -33.68
CA GLY C 240 35.78 4.89 -34.17
C GLY C 240 36.41 5.66 -33.02
N LYS C 241 37.13 6.71 -33.37
CA LYS C 241 37.81 7.56 -32.40
C LYS C 241 37.01 8.85 -32.20
N VAL C 242 36.91 9.28 -30.94
CA VAL C 242 36.33 10.57 -30.58
C VAL C 242 37.31 11.22 -29.62
N GLY C 243 37.95 12.31 -30.07
CA GLY C 243 39.07 12.82 -29.30
C GLY C 243 40.14 11.75 -29.25
N ASP C 244 40.68 11.50 -28.06
CA ASP C 244 41.65 10.43 -27.87
C ASP C 244 41.01 9.10 -27.52
N ALA C 245 39.68 9.02 -27.47
CA ALA C 245 39.02 7.84 -26.91
C ALA C 245 38.56 6.86 -27.99
N ASP C 246 38.79 5.58 -27.73
N ASP C 246 38.77 5.58 -27.72
CA ASP C 246 38.17 4.54 -28.54
CA ASP C 246 38.17 4.51 -28.52
C ASP C 246 36.67 4.52 -28.25
C ASP C 246 36.67 4.47 -28.25
N ALA C 247 35.86 4.59 -29.30
CA ALA C 247 34.42 4.67 -29.16
C ALA C 247 33.74 3.50 -29.83
N TYR C 248 32.65 3.02 -29.22
CA TYR C 248 31.78 2.00 -29.77
C TYR C 248 30.35 2.52 -29.78
N LEU C 249 29.63 2.28 -30.88
CA LEU C 249 28.23 2.67 -31.00
C LEU C 249 27.41 1.43 -31.30
N PHE C 250 26.49 1.09 -30.40
CA PHE C 250 25.68 -0.11 -30.48
C PHE C 250 24.21 0.23 -30.63
N ALA C 251 23.49 -0.52 -31.45
CA ALA C 251 22.04 -0.45 -31.48
C ALA C 251 21.48 -1.23 -30.29
N ALA C 252 20.63 -0.57 -29.49
CA ALA C 252 20.14 -1.19 -28.26
C ALA C 252 19.30 -2.42 -28.54
N GLN C 253 18.48 -2.38 -29.59
CA GLN C 253 17.62 -3.53 -29.89
C GLN C 253 18.45 -4.76 -30.26
N ASP C 254 19.40 -4.60 -31.19
CA ASP C 254 20.18 -5.74 -31.64
C ASP C 254 21.10 -6.25 -30.54
N LEU C 255 21.70 -5.36 -29.77
CA LEU C 255 22.59 -5.80 -28.69
C LEU C 255 21.80 -6.55 -27.61
N THR C 256 20.62 -6.05 -27.26
CA THR C 256 19.78 -6.75 -26.28
C THR C 256 19.37 -8.12 -26.80
N ARG C 257 18.92 -8.20 -28.05
CA ARG C 257 18.55 -9.48 -28.62
C ARG C 257 19.71 -10.46 -28.57
N PHE C 258 20.89 -10.00 -28.97
CA PHE C 258 22.09 -10.83 -28.96
C PHE C 258 22.42 -11.29 -27.54
N ALA C 259 22.37 -10.36 -26.58
CA ALA C 259 22.76 -10.69 -25.21
C ALA C 259 21.80 -11.67 -24.57
N VAL C 260 20.49 -11.53 -24.84
CA VAL C 260 19.52 -12.49 -24.32
C VAL C 260 19.78 -13.89 -24.87
N GLN C 261 19.97 -13.99 -26.19
CA GLN C 261 20.26 -15.28 -26.80
C GLN C 261 21.59 -15.85 -26.28
N TRP C 262 22.58 -14.97 -26.11
CA TRP C 262 23.86 -15.38 -25.55
C TRP C 262 23.70 -15.99 -24.16
N LEU C 263 22.91 -15.32 -23.30
CA LEU C 263 22.70 -15.80 -21.94
C LEU C 263 21.86 -17.07 -21.90
N GLU C 264 20.82 -17.14 -22.72
CA GLU C 264 19.93 -18.29 -22.65
C GLU C 264 20.59 -19.54 -23.23
N SER C 265 21.41 -19.38 -24.26
CA SER C 265 22.09 -20.53 -24.85
C SER C 265 23.09 -21.15 -23.88
N ARG C 266 23.70 -20.34 -23.01
CA ARG C 266 24.73 -20.83 -22.10
C ARG C 266 24.22 -21.20 -20.72
N PHE C 267 23.19 -20.51 -20.22
CA PHE C 267 22.77 -20.67 -18.83
C PHE C 267 21.28 -20.93 -18.68
N GLY C 268 20.57 -21.26 -19.76
CA GLY C 268 19.12 -21.43 -19.68
C GLY C 268 18.70 -22.84 -19.35
N ILE D 9 -4.18 -47.57 33.63
CA ILE D 9 -2.75 -47.41 33.32
C ILE D 9 -2.45 -46.10 32.57
N PRO D 10 -3.16 -45.79 31.47
CA PRO D 10 -2.94 -44.50 30.82
C PRO D 10 -3.33 -43.36 31.75
N HIS D 11 -2.63 -42.22 31.62
CA HIS D 11 -2.91 -41.09 32.49
C HIS D 11 -4.33 -40.58 32.28
N THR D 12 -5.01 -40.29 33.38
CA THR D 12 -6.39 -39.84 33.30
C THR D 12 -6.48 -38.32 33.30
N HIS D 13 -7.62 -37.83 32.82
CA HIS D 13 -7.91 -36.40 32.87
C HIS D 13 -7.74 -35.84 34.28
N ALA D 14 -8.32 -36.52 35.28
CA ALA D 14 -8.28 -35.99 36.63
C ALA D 14 -6.86 -35.87 37.15
N HIS D 15 -6.01 -36.85 36.86
CA HIS D 15 -4.63 -36.80 37.34
C HIS D 15 -3.83 -35.73 36.60
N LEU D 16 -4.12 -35.52 35.32
CA LEU D 16 -3.40 -34.47 34.58
C LEU D 16 -3.80 -33.09 35.06
N VAL D 17 -5.09 -32.87 35.33
CA VAL D 17 -5.53 -31.60 35.88
C VAL D 17 -4.77 -31.27 37.16
N ASP D 18 -4.72 -32.24 38.08
CA ASP D 18 -4.01 -32.03 39.34
C ASP D 18 -2.52 -31.80 39.11
N ALA D 19 -1.92 -32.53 38.17
CA ALA D 19 -0.49 -32.36 37.93
C ALA D 19 -0.18 -30.96 37.39
N PHE D 20 -1.02 -30.44 36.48
CA PHE D 20 -0.88 -29.07 36.03
C PHE D 20 -1.04 -28.10 37.20
N GLN D 21 -2.05 -28.33 38.04
CA GLN D 21 -2.30 -27.43 39.17
C GLN D 21 -1.15 -27.46 40.16
N ALA D 22 -0.57 -28.65 40.39
CA ALA D 22 0.55 -28.77 41.32
C ALA D 22 1.74 -27.94 40.87
N LEU D 23 1.92 -27.81 39.55
CA LEU D 23 2.99 -26.98 39.01
C LEU D 23 2.80 -25.51 39.34
N GLY D 24 1.56 -25.08 39.54
CA GLY D 24 1.27 -23.69 39.83
C GLY D 24 0.32 -23.06 38.84
N ILE D 25 -0.24 -23.86 37.92
CA ILE D 25 -1.22 -23.34 36.99
C ILE D 25 -2.51 -23.02 37.73
N ARG D 26 -3.01 -21.80 37.56
CA ARG D 26 -4.12 -21.30 38.35
C ARG D 26 -5.23 -20.80 37.45
N ALA D 27 -6.44 -20.77 38.02
CA ALA D 27 -7.59 -20.24 37.30
C ALA D 27 -7.33 -18.80 36.84
N GLY D 28 -7.66 -18.53 35.59
CA GLY D 28 -7.57 -17.19 35.04
C GLY D 28 -6.25 -16.86 34.36
N GLN D 29 -5.23 -17.70 34.49
CA GLN D 29 -3.94 -17.41 33.88
C GLN D 29 -4.02 -17.51 32.37
N ALA D 30 -3.17 -16.73 31.71
CA ALA D 30 -2.90 -16.87 30.28
C ALA D 30 -1.61 -17.67 30.13
N LEU D 31 -1.67 -18.76 29.36
CA LEU D 31 -0.58 -19.72 29.32
C LEU D 31 -0.26 -20.12 27.89
N MET D 32 1.03 -20.06 27.53
CA MET D 32 1.53 -20.57 26.26
C MET D 32 2.20 -21.92 26.50
N LEU D 33 1.83 -22.91 25.69
CA LEU D 33 2.27 -24.29 25.89
C LEU D 33 3.22 -24.72 24.78
N HIS D 34 4.32 -25.34 25.17
CA HIS D 34 5.20 -26.11 24.29
C HIS D 34 5.22 -27.54 24.81
N ALA D 35 5.07 -28.53 23.93
CA ALA D 35 4.83 -29.87 24.44
C ALA D 35 5.41 -30.95 23.54
N SER D 36 5.61 -32.12 24.15
CA SER D 36 5.87 -33.38 23.44
C SER D 36 4.83 -34.39 23.90
N VAL D 37 3.99 -34.87 22.99
CA VAL D 37 2.99 -35.88 23.35
C VAL D 37 3.67 -37.16 23.82
N LYS D 38 4.75 -37.56 23.13
CA LYS D 38 5.45 -38.78 23.52
C LYS D 38 6.01 -38.68 24.93
N ALA D 39 6.51 -37.49 25.31
CA ALA D 39 7.11 -37.34 26.63
C ALA D 39 6.09 -37.52 27.74
N VAL D 40 4.83 -37.12 27.51
CA VAL D 40 3.79 -37.27 28.52
C VAL D 40 3.45 -38.74 28.76
N GLY D 41 3.53 -39.57 27.72
CA GLY D 41 3.12 -40.95 27.82
C GLY D 41 1.64 -41.13 27.54
N ALA D 42 1.23 -42.40 27.54
CA ALA D 42 -0.14 -42.75 27.16
C ALA D 42 -1.16 -42.03 28.04
N VAL D 43 -2.12 -41.39 27.38
CA VAL D 43 -3.19 -40.66 28.05
C VAL D 43 -4.52 -41.29 27.66
N MET D 44 -5.41 -41.47 28.64
CA MET D 44 -6.70 -42.11 28.41
C MET D 44 -7.59 -41.14 27.65
N GLY D 45 -7.75 -41.38 26.35
CA GLY D 45 -8.46 -40.46 25.46
C GLY D 45 -7.56 -39.72 24.49
N GLY D 46 -6.24 -39.87 24.59
CA GLY D 46 -5.33 -39.29 23.65
C GLY D 46 -5.00 -37.84 23.94
N PRO D 47 -4.31 -37.18 23.01
CA PRO D 47 -3.82 -35.81 23.28
C PRO D 47 -4.92 -34.77 23.50
N ASN D 48 -6.15 -35.00 23.02
CA ASN D 48 -7.25 -34.11 23.35
C ASN D 48 -7.35 -33.88 24.85
N VAL D 49 -7.12 -34.94 25.63
CA VAL D 49 -7.25 -34.87 27.09
C VAL D 49 -6.14 -34.02 27.71
N ILE D 50 -4.94 -34.02 27.10
CA ILE D 50 -3.90 -33.09 27.55
C ILE D 50 -4.40 -31.66 27.44
N LEU D 51 -4.96 -31.31 26.29
CA LEU D 51 -5.45 -29.95 26.11
C LEU D 51 -6.62 -29.67 27.03
N GLN D 52 -7.58 -30.60 27.13
CA GLN D 52 -8.76 -30.36 27.95
C GLN D 52 -8.40 -30.27 29.43
N ALA D 53 -7.49 -31.13 29.89
CA ALA D 53 -7.05 -31.04 31.29
C ALA D 53 -6.40 -29.69 31.57
N LEU D 54 -5.57 -29.21 30.64
CA LEU D 54 -4.93 -27.91 30.84
C LEU D 54 -5.97 -26.79 30.85
N MET D 55 -6.91 -26.82 29.91
CA MET D 55 -7.98 -25.84 29.88
C MET D 55 -8.80 -25.87 31.17
N ASP D 56 -9.01 -27.07 31.73
CA ASP D 56 -9.79 -27.17 32.96
C ASP D 56 -9.04 -26.60 34.14
N ALA D 57 -7.71 -26.79 34.20
CA ALA D 57 -6.93 -26.15 35.25
C ALA D 57 -6.95 -24.64 35.11
N LEU D 58 -6.96 -24.14 33.88
CA LEU D 58 -7.02 -22.71 33.64
C LEU D 58 -8.42 -22.13 33.82
N THR D 59 -9.46 -22.97 33.70
CA THR D 59 -10.88 -22.61 33.71
C THR D 59 -11.23 -21.75 32.50
N PRO D 60 -12.52 -21.55 32.20
CA PRO D 60 -12.88 -20.67 31.08
C PRO D 60 -12.40 -19.23 31.24
N ASP D 61 -12.06 -18.80 32.46
CA ASP D 61 -11.51 -17.46 32.64
C ASP D 61 -10.04 -17.38 32.25
N GLY D 62 -9.37 -18.52 32.05
CA GLY D 62 -8.01 -18.54 31.59
C GLY D 62 -7.93 -18.68 30.06
N THR D 63 -6.70 -18.69 29.57
CA THR D 63 -6.43 -18.73 28.13
C THR D 63 -5.25 -19.66 27.87
N LEU D 64 -5.36 -20.46 26.81
CA LEU D 64 -4.29 -21.35 26.38
C LEU D 64 -3.88 -21.01 24.96
N MET D 65 -2.59 -20.84 24.72
CA MET D 65 -2.07 -20.44 23.42
C MET D 65 -0.92 -21.36 23.00
N MET D 66 -0.84 -21.62 21.69
CA MET D 66 0.30 -22.35 21.13
C MET D 66 0.76 -21.68 19.84
N TYR D 67 2.02 -21.91 19.51
CA TYR D 67 2.60 -21.46 18.24
C TYR D 67 2.29 -22.49 17.16
N ALA D 68 1.45 -22.11 16.18
CA ALA D 68 1.09 -23.01 15.10
C ALA D 68 1.98 -22.82 13.87
N GLY D 69 2.19 -21.57 13.44
CA GLY D 69 2.92 -21.33 12.22
C GLY D 69 2.15 -21.87 11.02
N TRP D 70 2.89 -22.18 9.97
CA TRP D 70 2.30 -22.72 8.73
C TRP D 70 3.26 -23.76 8.16
N GLN D 71 2.82 -25.03 8.20
CA GLN D 71 3.68 -26.12 7.77
C GLN D 71 4.14 -25.95 6.32
N ASP D 72 3.30 -25.37 5.47
CA ASP D 72 3.58 -25.32 4.04
C ASP D 72 3.97 -23.93 3.56
N ILE D 73 4.49 -23.09 4.45
CA ILE D 73 4.85 -21.73 4.01
C ILE D 73 5.95 -21.82 2.96
N PRO D 74 5.80 -21.18 1.79
CA PRO D 74 6.79 -21.27 0.72
C PRO D 74 7.82 -20.15 0.78
N ASP D 75 8.46 -19.98 1.94
CA ASP D 75 9.42 -18.90 2.11
C ASP D 75 10.78 -19.19 1.45
N PHE D 76 10.91 -20.34 0.81
CA PHE D 76 12.18 -20.80 0.25
C PHE D 76 12.30 -20.63 -1.26
N ILE D 77 11.32 -20.00 -1.91
CA ILE D 77 11.22 -20.08 -3.37
C ILE D 77 12.36 -19.36 -4.08
N ASP D 78 13.03 -18.41 -3.43
CA ASP D 78 14.16 -17.77 -4.08
C ASP D 78 15.33 -18.73 -4.28
N SER D 79 15.38 -19.83 -3.52
CA SER D 79 16.42 -20.82 -3.64
C SER D 79 16.20 -21.79 -4.80
N LEU D 80 15.02 -21.77 -5.41
CA LEU D 80 14.66 -22.72 -6.45
C LEU D 80 15.08 -22.20 -7.83
N PRO D 81 15.16 -23.08 -8.83
CA PRO D 81 15.37 -22.59 -10.19
C PRO D 81 14.23 -21.65 -10.58
N ASP D 82 14.56 -20.66 -11.42
CA ASP D 82 13.62 -19.60 -11.76
C ASP D 82 12.32 -20.17 -12.30
N ALA D 83 12.40 -21.20 -13.14
CA ALA D 83 11.20 -21.77 -13.74
C ALA D 83 10.31 -22.41 -12.68
N LEU D 84 10.91 -23.02 -11.66
CA LEU D 84 10.12 -23.61 -10.58
C LEU D 84 9.52 -22.53 -9.68
N LYS D 85 10.27 -21.46 -9.42
N LYS D 85 10.26 -21.45 -9.42
CA LYS D 85 9.72 -20.35 -8.64
CA LYS D 85 9.71 -20.35 -8.64
C LYS D 85 8.49 -19.76 -9.31
C LYS D 85 8.48 -19.76 -9.31
N ALA D 86 8.51 -19.63 -10.63
CA ALA D 86 7.35 -19.11 -11.36
C ALA D 86 6.12 -19.98 -11.13
N VAL D 87 6.30 -21.29 -11.07
CA VAL D 87 5.17 -22.19 -10.81
C VAL D 87 4.61 -21.95 -9.41
N TYR D 88 5.50 -21.83 -8.41
CA TYR D 88 5.05 -21.54 -7.06
C TYR D 88 4.23 -20.26 -7.00
N LEU D 89 4.71 -19.21 -7.68
CA LEU D 89 3.99 -17.94 -7.65
C LEU D 89 2.59 -18.06 -8.23
N GLU D 90 2.42 -18.94 -9.21
CA GLU D 90 1.11 -19.14 -9.83
C GLU D 90 0.24 -20.13 -9.06
N GLN D 91 0.82 -21.20 -8.52
CA GLN D 91 0.06 -22.36 -8.09
C GLN D 91 0.04 -22.60 -6.58
N HIS D 92 1.00 -22.07 -5.83
CA HIS D 92 1.00 -22.34 -4.40
C HIS D 92 -0.15 -21.59 -3.73
N PRO D 93 -0.92 -22.24 -2.87
CA PRO D 93 -2.04 -21.56 -2.22
C PRO D 93 -1.55 -20.53 -1.22
N PRO D 94 -2.36 -19.52 -0.93
CA PRO D 94 -2.00 -18.54 0.10
C PRO D 94 -2.27 -19.08 1.50
N PHE D 95 -1.71 -18.36 2.49
CA PHE D 95 -2.05 -18.62 3.88
C PHE D 95 -3.52 -18.30 4.11
N ASP D 96 -4.32 -19.34 4.34
CA ASP D 96 -5.71 -19.20 4.74
C ASP D 96 -5.81 -19.66 6.18
N PRO D 97 -6.07 -18.77 7.13
CA PRO D 97 -6.02 -19.18 8.54
C PRO D 97 -7.02 -20.27 8.89
N ALA D 98 -8.08 -20.45 8.10
CA ALA D 98 -9.06 -21.49 8.38
C ALA D 98 -8.51 -22.89 8.12
N THR D 99 -7.57 -23.03 7.19
CA THR D 99 -7.09 -24.34 6.77
C THR D 99 -5.58 -24.55 6.87
N ALA D 100 -4.79 -23.49 7.01
CA ALA D 100 -3.34 -23.63 6.99
C ALA D 100 -2.88 -24.51 8.14
N ARG D 101 -2.20 -25.60 7.82
CA ARG D 101 -1.84 -26.58 8.83
C ARG D 101 -0.67 -26.08 9.68
N ALA D 102 -0.70 -26.46 10.96
CA ALA D 102 0.38 -26.09 11.86
C ALA D 102 1.67 -26.83 11.52
N VAL D 103 2.80 -26.18 11.79
CA VAL D 103 4.10 -26.81 11.61
C VAL D 103 4.16 -28.09 12.42
N ARG D 104 4.49 -29.21 11.75
CA ARG D 104 4.48 -30.50 12.43
C ARG D 104 5.47 -30.53 13.60
N GLU D 105 6.63 -29.90 13.42
CA GLU D 105 7.62 -29.91 14.50
C GLU D 105 7.26 -29.02 15.67
N ASN D 106 6.12 -28.32 15.63
CA ASN D 106 5.62 -27.55 16.76
C ASN D 106 4.74 -28.40 17.68
N SER D 107 4.72 -29.72 17.46
CA SER D 107 3.91 -30.75 18.12
C SER D 107 2.54 -30.87 17.45
N VAL D 108 2.05 -32.11 17.35
CA VAL D 108 0.69 -32.33 16.90
C VAL D 108 -0.31 -31.62 17.79
N LEU D 109 0.06 -31.35 19.05
CA LEU D 109 -0.84 -30.63 19.95
C LEU D 109 -1.17 -29.23 19.43
N ALA D 110 -0.23 -28.58 18.74
CA ALA D 110 -0.53 -27.27 18.17
C ALA D 110 -1.59 -27.39 17.07
N GLU D 111 -1.53 -28.45 16.27
CA GLU D 111 -2.57 -28.66 15.26
C GLU D 111 -3.89 -29.05 15.90
N PHE D 112 -3.85 -29.83 16.99
CA PHE D 112 -5.06 -30.14 17.75
C PHE D 112 -5.71 -28.87 18.29
N LEU D 113 -4.91 -27.96 18.85
CA LEU D 113 -5.47 -26.72 19.40
C LEU D 113 -5.94 -25.79 18.28
N ARG D 114 -5.25 -25.79 17.13
CA ARG D 114 -5.66 -24.96 16.01
C ARG D 114 -7.07 -25.29 15.55
N THR D 115 -7.51 -26.55 15.67
CA THR D 115 -8.83 -26.97 15.23
C THR D 115 -9.80 -27.18 16.40
N TRP D 116 -9.49 -26.61 17.56
CA TRP D 116 -10.34 -26.70 18.75
C TRP D 116 -11.53 -25.75 18.65
N PRO D 117 -12.68 -26.11 19.23
CA PRO D 117 -13.83 -25.20 19.28
C PRO D 117 -13.49 -23.85 19.91
N VAL D 119 -11.53 -21.51 18.89
CA VAL D 119 -10.13 -21.10 18.71
C VAL D 119 -10.06 -19.77 17.96
N HIS D 120 -9.04 -18.96 18.29
CA HIS D 120 -8.69 -17.76 17.55
C HIS D 120 -7.27 -17.92 17.01
N ARG D 121 -7.01 -17.38 15.82
CA ARG D 121 -5.72 -17.54 15.17
C ARG D 121 -5.17 -16.21 14.71
N SER D 122 -3.90 -15.93 15.00
CA SER D 122 -3.28 -14.69 14.58
C SER D 122 -2.89 -14.74 13.10
N ALA D 123 -2.76 -13.54 12.51
CA ALA D 123 -2.70 -13.38 11.05
C ALA D 123 -1.31 -13.56 10.45
N ASN D 124 -0.25 -13.51 11.24
CA ASN D 124 1.10 -13.64 10.69
C ASN D 124 1.34 -15.10 10.31
N PRO D 125 1.52 -15.42 9.03
CA PRO D 125 1.61 -16.85 8.64
C PRO D 125 2.75 -17.60 9.33
N GLU D 126 3.98 -17.10 9.19
CA GLU D 126 5.12 -17.81 9.74
C GLU D 126 5.07 -17.90 11.26
N ALA D 127 4.54 -16.87 11.91
CA ALA D 127 4.53 -16.78 13.37
C ALA D 127 3.15 -17.03 13.97
N SER D 128 2.27 -17.72 13.25
CA SER D 128 0.85 -17.71 13.61
C SER D 128 0.62 -18.41 14.94
N MET D 129 -0.14 -17.77 15.82
CA MET D 129 -0.48 -18.31 17.12
C MET D 129 -1.96 -18.64 17.17
N VAL D 130 -2.30 -19.68 17.94
CA VAL D 130 -3.68 -20.10 18.13
C VAL D 130 -3.97 -20.11 19.62
N ALA D 131 -5.20 -19.71 19.99
CA ALA D 131 -5.52 -19.60 21.39
C ALA D 131 -7.00 -19.85 21.62
N VAL D 132 -7.30 -20.39 22.81
CA VAL D 132 -8.66 -20.66 23.26
C VAL D 132 -8.79 -20.11 24.67
N GLY D 133 -9.84 -19.33 24.92
CA GLY D 133 -10.10 -18.88 26.27
C GLY D 133 -10.48 -17.41 26.32
N ARG D 134 -10.53 -16.89 27.56
CA ARG D 134 -11.11 -15.57 27.79
C ARG D 134 -10.35 -14.47 27.03
N GLN D 135 -9.03 -14.57 26.96
CA GLN D 135 -8.22 -13.55 26.30
C GLN D 135 -7.61 -14.04 24.99
N ALA D 136 -8.23 -15.06 24.37
CA ALA D 136 -7.72 -15.61 23.12
C ALA D 136 -7.79 -14.58 21.99
N ALA D 137 -8.89 -13.84 21.89
CA ALA D 137 -9.00 -12.81 20.86
C ALA D 137 -7.95 -11.72 21.07
N LEU D 138 -7.80 -11.25 22.30
CA LEU D 138 -6.80 -10.24 22.60
C LEU D 138 -5.40 -10.70 22.20
N LEU D 139 -5.02 -11.92 22.61
CA LEU D 139 -3.65 -12.37 22.36
C LEU D 139 -3.35 -12.48 20.88
N THR D 140 -4.33 -12.89 20.06
CA THR D 140 -4.10 -13.16 18.65
C THR D 140 -4.39 -11.96 17.75
N ALA D 141 -4.85 -10.85 18.32
CA ALA D 141 -5.30 -9.71 17.53
C ALA D 141 -4.16 -8.89 16.97
N ASN D 142 -4.35 -8.39 15.75
N ASN D 142 -4.33 -8.40 15.74
CA ASN D 142 -3.47 -7.41 15.11
CA ASN D 142 -3.44 -7.36 15.19
C ASN D 142 -2.01 -7.84 15.17
C ASN D 142 -1.99 -7.81 15.12
N HIS D 143 -1.77 -9.08 14.75
CA HIS D 143 -0.42 -9.62 14.68
C HIS D 143 0.24 -9.13 13.39
N ALA D 144 1.21 -8.21 13.54
CA ALA D 144 1.84 -7.61 12.36
C ALA D 144 2.60 -8.65 11.54
N LEU D 145 2.59 -8.46 10.22
CA LEU D 145 3.31 -9.38 9.33
C LEU D 145 4.81 -9.25 9.50
N ASP D 146 5.33 -8.02 9.61
CA ASP D 146 6.74 -7.80 9.83
C ASP D 146 7.08 -7.86 11.31
N TYR D 147 8.23 -8.45 11.63
CA TYR D 147 8.73 -8.58 13.00
C TYR D 147 7.67 -9.20 13.90
N GLY D 148 7.29 -10.43 13.52
CA GLY D 148 6.18 -11.14 14.12
C GLY D 148 6.41 -11.61 15.55
N TYR D 149 7.61 -11.44 16.09
CA TYR D 149 7.86 -11.74 17.50
C TYR D 149 8.14 -10.47 18.29
N GLY D 150 7.82 -9.30 17.73
CA GLY D 150 8.17 -8.01 18.30
C GLY D 150 7.01 -7.36 19.04
N VAL D 151 6.88 -6.05 18.85
CA VAL D 151 5.97 -5.24 19.65
C VAL D 151 4.51 -5.60 19.34
N GLU D 152 4.19 -5.85 18.09
CA GLU D 152 2.81 -6.10 17.67
C GLU D 152 2.56 -7.59 17.49
N SER D 153 2.65 -8.34 18.59
CA SER D 153 2.66 -9.78 18.49
C SER D 153 1.97 -10.38 19.71
N PRO D 154 1.52 -11.64 19.60
CA PRO D 154 0.96 -12.32 20.78
C PRO D 154 1.94 -12.48 21.93
N LEU D 155 3.25 -12.52 21.65
CA LEU D 155 4.21 -12.65 22.74
C LEU D 155 4.29 -11.37 23.55
N ALA D 156 4.27 -10.21 22.89
CA ALA D 156 4.21 -8.95 23.62
C ALA D 156 2.98 -8.89 24.51
N LYS D 157 1.83 -9.35 24.00
CA LYS D 157 0.62 -9.27 24.79
C LYS D 157 0.65 -10.26 25.95
N LEU D 158 1.26 -11.44 25.74
CA LEU D 158 1.40 -12.39 26.82
C LEU D 158 2.22 -11.81 27.96
N VAL D 159 3.30 -11.08 27.64
CA VAL D 159 4.07 -10.41 28.67
C VAL D 159 3.23 -9.34 29.36
N ALA D 160 2.46 -8.57 28.57
CA ALA D 160 1.73 -7.43 29.13
C ALA D 160 0.65 -7.87 30.12
N ILE D 161 0.02 -9.02 29.89
CA ILE D 161 -1.06 -9.49 30.76
C ILE D 161 -0.50 -10.46 31.80
N GLU D 162 0.83 -10.51 31.92
CA GLU D 162 1.51 -11.33 32.92
C GLU D 162 1.13 -12.80 32.78
N GLY D 163 1.29 -13.31 31.57
CA GLY D 163 1.04 -14.70 31.29
C GLY D 163 2.22 -15.58 31.66
N TYR D 164 2.11 -16.85 31.26
CA TYR D 164 3.07 -17.87 31.65
C TYR D 164 3.42 -18.72 30.42
N VAL D 165 4.54 -19.44 30.53
CA VAL D 165 4.96 -20.39 29.52
C VAL D 165 5.15 -21.76 30.18
N LEU D 166 4.52 -22.79 29.62
CA LEU D 166 4.63 -24.14 30.13
C LEU D 166 5.37 -25.01 29.12
N MET D 167 6.48 -25.60 29.55
CA MET D 167 7.23 -26.57 28.76
C MET D 167 6.83 -27.95 29.25
N LEU D 168 6.13 -28.71 28.41
CA LEU D 168 5.57 -30.01 28.79
C LEU D 168 6.35 -31.10 28.05
N GLY D 169 7.47 -31.50 28.64
CA GLY D 169 8.35 -32.45 27.98
C GLY D 169 9.00 -31.94 26.73
N ALA D 170 8.96 -30.63 26.49
CA ALA D 170 9.54 -29.94 25.34
C ALA D 170 10.96 -29.47 25.65
N PRO D 171 11.87 -29.50 24.67
CA PRO D 171 13.22 -29.02 24.91
C PRO D 171 13.22 -27.53 25.23
N LEU D 172 14.17 -27.13 26.08
CA LEU D 172 14.23 -25.72 26.49
C LEU D 172 14.62 -24.82 25.33
N ASP D 173 15.19 -25.39 24.26
CA ASP D 173 15.50 -24.62 23.06
C ASP D 173 14.26 -24.14 22.32
N THR D 174 13.07 -24.64 22.66
CA THR D 174 11.87 -24.35 21.89
C THR D 174 11.00 -23.26 22.51
N ILE D 175 11.54 -22.46 23.44
CA ILE D 175 10.77 -21.39 24.06
C ILE D 175 10.65 -20.22 23.09
N THR D 176 9.53 -20.17 22.38
CA THR D 176 9.31 -19.13 21.37
C THR D 176 9.37 -17.73 21.98
N LEU D 177 8.97 -17.60 23.24
CA LEU D 177 9.02 -16.29 23.91
C LEU D 177 10.41 -15.67 23.84
N LEU D 178 11.46 -16.48 23.82
CA LEU D 178 12.80 -15.91 23.80
C LEU D 178 13.11 -15.21 22.47
N HIS D 179 12.37 -15.53 21.40
CA HIS D 179 12.49 -14.71 20.20
C HIS D 179 11.99 -13.30 20.43
N HIS D 180 11.02 -13.13 21.34
CA HIS D 180 10.59 -11.79 21.69
C HIS D 180 11.66 -11.08 22.51
N ALA D 181 12.36 -11.82 23.37
CA ALA D 181 13.49 -11.24 24.09
C ALA D 181 14.59 -10.80 23.14
N GLU D 182 14.87 -11.62 22.12
CA GLU D 182 15.84 -11.21 21.09
C GLU D 182 15.42 -9.92 20.42
N TYR D 183 14.14 -9.79 20.07
CA TYR D 183 13.65 -8.56 19.47
C TYR D 183 13.91 -7.36 20.37
N LEU D 184 13.60 -7.50 21.66
CA LEU D 184 13.71 -6.38 22.59
C LEU D 184 15.16 -6.03 22.90
N ALA D 185 16.06 -7.00 22.91
CA ALA D 185 17.39 -6.79 23.44
C ALA D 185 18.23 -5.92 22.51
N LYS D 186 18.97 -4.98 23.11
CA LYS D 186 19.89 -4.16 22.33
C LYS D 186 21.19 -4.94 22.19
N MET D 187 21.29 -5.68 21.09
CA MET D 187 22.42 -6.54 20.79
C MET D 187 23.27 -5.90 19.71
N ARG D 188 24.53 -6.32 19.65
CA ARG D 188 25.47 -5.70 18.73
C ARG D 188 25.05 -5.87 17.28
N HIS D 189 24.56 -7.05 16.92
CA HIS D 189 24.06 -7.27 15.56
C HIS D 189 22.99 -8.34 15.56
N LYS D 190 21.92 -8.10 14.82
CA LYS D 190 20.88 -9.10 14.58
C LYS D 190 20.74 -9.27 13.07
N ASN D 191 20.52 -10.50 12.66
CA ASN D 191 20.34 -10.80 11.24
C ASN D 191 18.89 -10.57 10.86
N VAL D 192 18.68 -9.82 9.79
CA VAL D 192 17.36 -9.53 9.25
C VAL D 192 17.12 -10.39 8.03
N VAL D 193 15.94 -10.99 7.93
CA VAL D 193 15.56 -11.77 6.77
C VAL D 193 14.37 -11.09 6.11
N ARG D 194 14.32 -11.19 4.79
CA ARG D 194 13.18 -10.72 4.00
C ARG D 194 12.83 -11.83 3.03
N TYR D 195 11.58 -12.27 3.07
CA TYR D 195 11.19 -13.44 2.30
C TYR D 195 9.78 -13.26 1.75
N PRO D 196 9.46 -13.92 0.65
CA PRO D 196 8.11 -13.80 0.07
C PRO D 196 7.14 -14.74 0.76
N CYS D 197 5.86 -14.35 0.74
CA CYS D 197 4.76 -15.11 1.32
C CYS D 197 3.43 -14.79 0.67
N PRO D 198 2.67 -15.81 0.25
CA PRO D 198 1.33 -15.56 -0.27
C PRO D 198 0.31 -15.47 0.86
N ILE D 199 -0.51 -14.42 0.82
CA ILE D 199 -1.55 -14.20 1.81
C ILE D 199 -2.85 -13.89 1.08
N LEU D 200 -3.93 -13.79 1.85
CA LEU D 200 -5.23 -13.40 1.35
C LEU D 200 -5.47 -11.92 1.62
N ARG D 201 -5.90 -11.20 0.59
CA ARG D 201 -6.28 -9.80 0.70
C ARG D 201 -7.49 -9.60 -0.18
N ASP D 202 -8.62 -9.21 0.43
CA ASP D 202 -9.90 -9.14 -0.25
C ASP D 202 -10.26 -10.48 -0.89
N GLY D 203 -9.97 -11.56 -0.17
CA GLY D 203 -10.29 -12.89 -0.65
C GLY D 203 -9.45 -13.39 -1.79
N ARG D 204 -8.43 -12.65 -2.21
CA ARG D 204 -7.57 -13.02 -3.32
C ARG D 204 -6.14 -13.23 -2.85
N LYS D 205 -5.43 -14.12 -3.53
CA LYS D 205 -4.03 -14.38 -3.22
C LYS D 205 -3.15 -13.23 -3.66
N VAL D 206 -2.29 -12.77 -2.75
N VAL D 206 -2.32 -12.73 -2.74
CA VAL D 206 -1.33 -11.69 -3.00
CA VAL D 206 -1.33 -11.71 -3.05
C VAL D 206 0.00 -12.09 -2.39
C VAL D 206 -0.01 -12.14 -2.41
N TRP D 207 1.08 -11.97 -3.16
CA TRP D 207 2.42 -12.28 -2.65
C TRP D 207 3.00 -11.00 -2.05
N VAL D 208 3.42 -11.07 -0.79
CA VAL D 208 4.01 -9.93 -0.11
C VAL D 208 5.41 -10.29 0.35
N THR D 209 6.18 -9.26 0.69
CA THR D 209 7.49 -9.45 1.30
C THR D 209 7.36 -9.26 2.80
N VAL D 210 7.84 -10.24 3.55
CA VAL D 210 7.81 -10.21 5.01
C VAL D 210 9.22 -9.95 5.51
N GLU D 211 9.36 -9.00 6.43
CA GLU D 211 10.63 -8.69 7.07
C GLU D 211 10.61 -9.12 8.53
N ASP D 212 11.70 -9.72 8.98
CA ASP D 212 11.77 -10.19 10.35
C ASP D 212 13.23 -10.37 10.75
N TYR D 213 13.45 -10.46 12.06
CA TYR D 213 14.73 -11.00 12.53
C TYR D 213 14.77 -12.49 12.26
N ASP D 214 15.94 -12.97 11.87
CA ASP D 214 16.15 -14.40 11.71
C ASP D 214 15.77 -15.12 13.00
N THR D 215 14.86 -16.10 12.88
CA THR D 215 14.53 -16.98 14.00
C THR D 215 15.00 -18.41 13.78
N GLY D 216 15.69 -18.68 12.68
CA GLY D 216 16.21 -20.03 12.44
C GLY D 216 17.54 -20.30 13.12
N ASP D 217 18.32 -19.26 13.38
CA ASP D 217 19.60 -19.38 14.08
C ASP D 217 19.75 -18.20 15.02
N PRO D 218 20.50 -18.36 16.11
CA PRO D 218 20.74 -17.23 17.01
C PRO D 218 21.55 -16.14 16.33
N HIS D 219 21.43 -14.93 16.87
CA HIS D 219 22.16 -13.78 16.35
C HIS D 219 23.58 -13.70 16.86
N ASP D 220 23.96 -14.55 17.81
CA ASP D 220 25.30 -14.53 18.37
C ASP D 220 25.56 -15.90 19.00
N ASP D 221 26.59 -15.97 19.86
CA ASP D 221 27.08 -17.24 20.40
C ASP D 221 26.28 -17.63 21.64
N TYR D 222 25.06 -18.10 21.40
CA TYR D 222 24.17 -18.49 22.50
C TYR D 222 23.13 -19.48 21.98
N SER D 223 22.44 -20.12 22.92
CA SER D 223 21.29 -20.96 22.63
C SER D 223 20.18 -20.65 23.62
N PHE D 224 18.95 -20.92 23.21
CA PHE D 224 17.82 -20.72 24.12
C PHE D 224 17.90 -21.66 25.32
N GLU D 225 18.38 -22.89 25.10
CA GLU D 225 18.55 -23.81 26.22
C GLU D 225 19.51 -23.24 27.25
N GLN D 226 20.58 -22.59 26.77
CA GLN D 226 21.55 -21.97 27.67
C GLN D 226 20.89 -20.89 28.53
N ILE D 227 20.09 -20.02 27.91
CA ILE D 227 19.42 -18.95 28.64
C ILE D 227 18.47 -19.54 29.67
N ALA D 228 17.68 -20.53 29.25
CA ALA D 228 16.68 -21.13 30.14
C ALA D 228 17.35 -21.87 31.29
N ARG D 229 18.43 -22.61 31.01
CA ARG D 229 19.16 -23.30 32.07
C ARG D 229 19.68 -22.31 33.11
N ASP D 230 20.23 -21.18 32.65
CA ASP D 230 20.71 -20.16 33.58
C ASP D 230 19.56 -19.57 34.39
N TYR D 231 18.41 -19.37 33.75
CA TYR D 231 17.23 -18.87 34.46
C TYR D 231 16.82 -19.82 35.58
N VAL D 232 16.74 -21.11 35.27
CA VAL D 232 16.38 -22.10 36.29
C VAL D 232 17.42 -22.12 37.41
N ALA D 233 18.69 -22.03 37.04
CA ALA D 233 19.77 -22.14 38.03
C ALA D 233 19.73 -21.02 39.06
N GLN D 234 19.28 -19.83 38.67
CA GLN D 234 19.18 -18.71 39.60
C GLN D 234 17.79 -18.61 40.24
N GLY D 235 17.02 -19.70 40.22
CA GLY D 235 15.75 -19.77 40.92
C GLY D 235 14.52 -19.48 40.10
N GLY D 236 14.63 -19.39 38.78
CA GLY D 236 13.49 -19.04 37.95
C GLY D 236 12.57 -20.21 37.67
N GLY D 237 11.27 -19.95 37.79
CA GLY D 237 10.25 -20.91 37.41
C GLY D 237 10.01 -22.01 38.42
N THR D 238 9.12 -22.92 38.03
CA THR D 238 8.81 -24.11 38.83
C THR D 238 8.93 -25.34 37.94
N ARG D 239 9.29 -26.47 38.55
CA ARG D 239 9.52 -27.71 37.84
C ARG D 239 8.72 -28.83 38.49
N GLY D 240 8.24 -29.76 37.67
CA GLY D 240 7.51 -30.90 38.20
C GLY D 240 7.18 -31.88 37.09
N LYS D 241 6.53 -32.96 37.49
CA LYS D 241 6.15 -34.02 36.56
C LYS D 241 4.68 -33.86 36.16
N VAL D 242 4.41 -34.05 34.88
CA VAL D 242 3.06 -34.13 34.35
C VAL D 242 3.02 -35.38 33.49
N GLY D 243 2.31 -36.40 33.96
CA GLY D 243 2.44 -37.70 33.34
C GLY D 243 3.89 -38.16 33.47
N ASP D 244 4.45 -38.65 32.37
CA ASP D 244 5.85 -39.06 32.35
C ASP D 244 6.79 -37.92 31.99
N ALA D 245 6.28 -36.72 31.79
CA ALA D 245 7.06 -35.63 31.21
C ALA D 245 7.64 -34.70 32.28
N ASP D 246 8.88 -34.29 32.09
CA ASP D 246 9.45 -33.20 32.87
C ASP D 246 8.82 -31.89 32.41
N ALA D 247 8.35 -31.09 33.35
CA ALA D 247 7.64 -29.86 33.03
C ALA D 247 8.29 -28.67 33.72
N TYR D 248 8.31 -27.53 33.04
CA TYR D 248 8.77 -26.26 33.57
C TYR D 248 7.68 -25.21 33.39
N LEU D 249 7.44 -24.40 34.41
CA LEU D 249 6.47 -23.32 34.32
C LEU D 249 7.16 -21.99 34.59
N PHE D 250 7.16 -21.10 33.60
CA PHE D 250 7.85 -19.82 33.67
C PHE D 250 6.87 -18.68 33.59
N ALA D 251 7.10 -17.64 34.40
CA ALA D 251 6.39 -16.37 34.23
C ALA D 251 6.97 -15.62 33.04
N ALA D 252 6.10 -15.23 32.11
CA ALA D 252 6.58 -14.61 30.87
C ALA D 252 7.26 -13.27 31.15
N GLN D 253 6.73 -12.50 32.09
CA GLN D 253 7.30 -11.20 32.40
C GLN D 253 8.72 -11.34 32.94
N ASP D 254 8.90 -12.19 33.95
CA ASP D 254 10.21 -12.32 34.57
C ASP D 254 11.21 -12.98 33.64
N LEU D 255 10.79 -14.01 32.89
CA LEU D 255 11.69 -14.68 31.97
C LEU D 255 12.16 -13.74 30.87
N THR D 256 11.24 -12.94 30.30
CA THR D 256 11.62 -11.99 29.26
C THR D 256 12.62 -10.97 29.81
N ARG D 257 12.34 -10.42 30.99
CA ARG D 257 13.27 -9.48 31.61
C ARG D 257 14.63 -10.12 31.81
N PHE D 258 14.67 -11.33 32.34
CA PHE D 258 15.93 -12.04 32.56
C PHE D 258 16.66 -12.26 31.24
N ALA D 259 15.94 -12.70 30.21
CA ALA D 259 16.58 -13.03 28.95
C ALA D 259 17.13 -11.80 28.24
N VAL D 260 16.41 -10.68 28.31
CA VAL D 260 16.92 -9.44 27.71
C VAL D 260 18.21 -9.01 28.40
N GLN D 261 18.22 -9.00 29.74
CA GLN D 261 19.43 -8.62 30.46
C GLN D 261 20.56 -9.61 30.19
N TRP D 262 20.23 -10.89 30.06
CA TRP D 262 21.21 -11.92 29.74
C TRP D 262 21.87 -11.65 28.40
N LEU D 263 21.06 -11.35 27.38
CA LEU D 263 21.57 -11.10 26.04
C LEU D 263 22.36 -9.81 25.97
N GLU D 264 21.88 -8.76 26.65
CA GLU D 264 22.56 -7.47 26.59
C GLU D 264 23.86 -7.50 27.36
N SER D 265 23.93 -8.26 28.45
CA SER D 265 25.17 -8.36 29.23
C SER D 265 26.28 -9.04 28.43
N ARG D 266 25.94 -9.99 27.57
CA ARG D 266 26.93 -10.76 26.84
C ARG D 266 27.17 -10.26 25.41
N PHE D 267 26.14 -9.74 24.74
CA PHE D 267 26.25 -9.45 23.32
C PHE D 267 25.83 -8.03 22.96
N GLY D 268 25.77 -7.12 23.94
CA GLY D 268 25.31 -5.78 23.67
C GLY D 268 26.45 -4.88 23.20
N ASP D 269 26.08 -3.68 22.75
CA ASP D 269 27.03 -2.77 22.14
C ASP D 269 27.37 -1.60 23.06
#